data_1P93
#
_entry.id   1P93
#
_cell.length_a   127.4
_cell.length_b   127.4
_cell.length_c   91.8
_cell.angle_alpha   90.0
_cell.angle_beta   90.0
_cell.angle_gamma   120.0
#
_symmetry.space_group_name_H-M   'P 31'
#
loop_
_entity.id
_entity.type
_entity.pdbx_description
1 polymer 'Glucocorticoid receptor'
2 polymer 'Nuclear receptor coactivator 2'
3 non-polymer DEXAMETHASONE
#
loop_
_entity_poly.entity_id
_entity_poly.type
_entity_poly.pdbx_seq_one_letter_code
_entity_poly.pdbx_strand_id
1 'polypeptide(L)'
;GSIQQATTGVSQETSENPGDKTIVPATLPQLTPTLVSLLEVIEPEVLYAGYDSSVPDSTWRIMTTLNMLGGRQVIAAVKW
AKAIPGFRNLHLDDQMTLLQYSWMSLMAFALGWRSYRQSSANLLCFAPDLIINEQRMTLPDMYDQCKHMLYVSSELHRLQ
VSYEEYLCMKTLLLLSSVPKDGLKSQELFDEIRMTYIKELGKAIVKREGNSSQNWQRFYQLTKLLDSMHEVVENLLNYCF
QTFLDKTMSIEFPEMLAEIITNQIPKYSNGNIKKLLFHQK
;
A,B,C,D
2 'polypeptide(L)' KENALLRYLLDK E,F,G,H
#
# COMPACT_ATOMS: atom_id res chain seq x y z
N GLN A 30 -8.07 -29.36 14.49
CA GLN A 30 -8.84 -29.18 13.23
C GLN A 30 -8.64 -30.48 12.45
N LEU A 31 -8.58 -31.59 13.19
CA LEU A 31 -8.43 -32.89 12.53
C LEU A 31 -7.08 -32.88 11.76
N THR A 32 -6.08 -32.29 12.44
CA THR A 32 -4.68 -32.11 12.00
C THR A 32 -4.50 -31.09 10.84
N PRO A 33 -3.26 -30.91 10.35
CA PRO A 33 -3.10 -29.94 9.26
C PRO A 33 -4.21 -29.95 8.19
N THR A 34 -4.81 -28.77 8.00
CA THR A 34 -5.87 -28.56 7.02
C THR A 34 -5.25 -28.38 5.66
N LEU A 35 -5.97 -28.83 4.64
CA LEU A 35 -5.48 -28.64 3.30
C LEU A 35 -5.53 -27.11 3.06
N VAL A 36 -6.40 -26.43 3.80
CA VAL A 36 -6.53 -24.96 3.69
C VAL A 36 -5.32 -24.29 4.34
N SER A 37 -5.17 -24.48 5.65
CA SER A 37 -4.06 -23.91 6.40
C SER A 37 -2.73 -24.24 5.71
N LEU A 38 -2.81 -25.07 4.69
CA LEU A 38 -1.65 -25.49 3.91
C LEU A 38 -1.30 -24.46 2.84
N LEU A 39 -2.16 -24.34 1.83
CA LEU A 39 -2.00 -23.39 0.71
C LEU A 39 -1.64 -22.01 1.25
N GLU A 40 -2.07 -21.79 2.48
CA GLU A 40 -1.85 -20.55 3.19
C GLU A 40 -0.36 -20.34 3.42
N VAL A 41 0.34 -21.43 3.76
CA VAL A 41 1.78 -21.38 3.99
C VAL A 41 2.53 -21.63 2.68
N ILE A 42 1.87 -22.29 1.73
CA ILE A 42 2.47 -22.55 0.44
C ILE A 42 2.24 -21.34 -0.44
N GLU A 43 1.40 -20.42 0.03
CA GLU A 43 1.09 -19.18 -0.66
C GLU A 43 2.36 -18.33 -0.78
N PRO A 44 2.74 -17.93 -2.01
CA PRO A 44 3.94 -17.12 -2.28
C PRO A 44 3.99 -15.72 -1.63
N GLU A 45 5.17 -15.10 -1.66
CA GLU A 45 5.37 -13.78 -1.07
C GLU A 45 5.61 -12.68 -2.07
N VAL A 46 4.73 -11.68 -2.05
CA VAL A 46 4.76 -10.53 -2.94
C VAL A 46 6.13 -10.11 -3.42
N LEU A 47 6.20 -9.71 -4.68
CA LEU A 47 7.43 -9.27 -5.30
C LEU A 47 7.41 -7.76 -5.48
N TYR A 48 8.59 -7.18 -5.67
CA TYR A 48 8.72 -5.75 -5.88
C TYR A 48 8.94 -5.50 -7.35
N ALA A 49 8.19 -4.53 -7.87
CA ALA A 49 8.29 -4.16 -9.27
C ALA A 49 9.74 -3.82 -9.61
N GLY A 50 10.33 -2.93 -8.81
CA GLY A 50 11.69 -2.50 -9.02
C GLY A 50 11.60 -1.23 -9.86
N TYR A 51 10.44 -0.59 -9.79
CA TYR A 51 10.15 0.63 -10.54
C TYR A 51 10.95 1.81 -10.02
N ASP A 52 11.29 2.73 -10.91
CA ASP A 52 12.08 3.91 -10.58
C ASP A 52 11.29 5.08 -10.03
N SER A 53 10.02 5.18 -10.42
CA SER A 53 9.14 6.25 -9.95
C SER A 53 9.66 7.63 -10.30
N SER A 54 10.58 8.15 -9.50
CA SER A 54 11.17 9.47 -9.74
C SER A 54 11.03 9.99 -11.15
N VAL A 55 11.62 9.30 -12.14
CA VAL A 55 11.52 9.78 -13.53
C VAL A 55 10.03 9.78 -13.83
N PRO A 56 9.43 10.95 -14.09
CA PRO A 56 7.99 10.99 -14.38
C PRO A 56 7.50 9.69 -14.99
N ASP A 57 6.29 9.28 -14.59
CA ASP A 57 5.70 8.06 -15.10
C ASP A 57 5.47 8.08 -16.60
N SER A 58 5.63 6.90 -17.21
CA SER A 58 5.47 6.68 -18.64
C SER A 58 4.56 5.47 -18.80
N THR A 59 3.55 5.53 -19.67
CA THR A 59 2.64 4.38 -19.82
C THR A 59 3.41 3.08 -20.00
N TRP A 60 4.09 2.90 -21.13
CA TRP A 60 4.81 1.66 -21.34
C TRP A 60 5.93 1.40 -20.31
N ARG A 61 6.60 2.46 -19.84
CA ARG A 61 7.68 2.28 -18.86
C ARG A 61 7.17 1.43 -17.71
N ILE A 62 5.86 1.52 -17.46
CA ILE A 62 5.18 0.80 -16.40
C ILE A 62 4.77 -0.59 -16.85
N MET A 63 4.04 -0.65 -17.95
CA MET A 63 3.56 -1.89 -18.52
C MET A 63 4.74 -2.81 -18.63
N THR A 64 5.78 -2.31 -19.28
CA THR A 64 7.00 -3.06 -19.48
C THR A 64 7.61 -3.45 -18.12
N THR A 65 7.26 -2.70 -17.08
CA THR A 65 7.75 -2.98 -15.73
C THR A 65 6.86 -4.03 -15.07
N LEU A 66 5.61 -4.11 -15.48
CA LEU A 66 4.73 -5.13 -14.91
C LEU A 66 5.15 -6.47 -15.48
N ASN A 67 5.32 -6.52 -16.79
CA ASN A 67 5.71 -7.73 -17.50
C ASN A 67 6.94 -8.40 -16.92
N MET A 68 7.99 -7.65 -16.70
CA MET A 68 9.21 -8.21 -16.14
C MET A 68 8.83 -8.87 -14.86
N LEU A 69 8.03 -8.17 -14.08
CA LEU A 69 7.54 -8.66 -12.81
C LEU A 69 6.62 -9.86 -12.99
N GLY A 70 5.79 -9.80 -14.02
CA GLY A 70 4.88 -10.90 -14.28
C GLY A 70 5.60 -12.22 -14.27
N GLY A 71 6.55 -12.37 -15.20
CA GLY A 71 7.33 -13.58 -15.33
C GLY A 71 7.83 -14.16 -14.03
N ARG A 72 8.19 -13.30 -13.08
CA ARG A 72 8.69 -13.74 -11.77
C ARG A 72 7.59 -14.35 -10.93
N GLN A 73 6.43 -13.69 -10.94
CA GLN A 73 5.26 -14.16 -10.20
C GLN A 73 4.89 -15.51 -10.77
N VAL A 74 4.89 -15.55 -12.10
CA VAL A 74 4.60 -16.78 -12.82
C VAL A 74 5.55 -17.83 -12.28
N ILE A 75 6.83 -17.63 -12.53
CA ILE A 75 7.84 -18.54 -12.04
C ILE A 75 7.50 -18.92 -10.61
N ALA A 76 7.30 -17.91 -9.78
CA ALA A 76 6.97 -18.12 -8.38
C ALA A 76 5.71 -18.95 -8.22
N ALA A 77 4.83 -18.85 -9.21
CA ALA A 77 3.57 -19.59 -9.22
C ALA A 77 3.81 -21.06 -9.45
N VAL A 78 4.67 -21.37 -10.42
CA VAL A 78 5.01 -22.74 -10.72
C VAL A 78 5.47 -23.43 -9.42
N LYS A 79 6.45 -22.83 -8.76
CA LYS A 79 6.95 -23.35 -7.50
C LYS A 79 5.80 -23.56 -6.53
N TRP A 80 4.84 -22.64 -6.59
CA TRP A 80 3.66 -22.67 -5.74
C TRP A 80 2.77 -23.84 -6.11
N ALA A 81 2.75 -24.15 -7.40
CA ALA A 81 1.94 -25.23 -7.94
C ALA A 81 2.51 -26.60 -7.57
N LYS A 82 3.75 -26.86 -7.93
CA LYS A 82 4.36 -28.14 -7.61
C LYS A 82 4.13 -28.36 -6.12
N ALA A 83 4.07 -27.26 -5.38
CA ALA A 83 3.88 -27.27 -3.93
C ALA A 83 2.47 -27.65 -3.45
N ILE A 84 1.58 -27.96 -4.40
CA ILE A 84 0.20 -28.32 -4.08
C ILE A 84 0.00 -29.83 -4.05
N PRO A 85 -0.89 -30.32 -3.16
CA PRO A 85 -1.22 -31.74 -2.99
C PRO A 85 -1.84 -32.33 -4.25
N GLY A 86 -1.18 -33.34 -4.81
CA GLY A 86 -1.69 -34.00 -6.00
C GLY A 86 -1.19 -33.45 -7.32
N PHE A 87 -0.70 -32.22 -7.31
CA PHE A 87 -0.22 -31.60 -8.53
C PHE A 87 0.95 -32.35 -9.13
N ARG A 88 1.99 -32.58 -8.34
CA ARG A 88 3.15 -33.29 -8.84
C ARG A 88 2.72 -34.65 -9.36
N ASN A 89 1.61 -35.15 -8.83
CA ASN A 89 1.07 -36.44 -9.21
C ASN A 89 0.51 -36.51 -10.63
N LEU A 90 -0.19 -35.48 -11.07
CA LEU A 90 -0.72 -35.48 -12.42
C LEU A 90 0.41 -35.73 -13.40
N HIS A 91 0.06 -36.22 -14.58
CA HIS A 91 1.06 -36.47 -15.60
C HIS A 91 1.62 -35.11 -15.93
N LEU A 92 2.95 -35.04 -16.00
CA LEU A 92 3.62 -33.77 -16.26
C LEU A 92 3.12 -32.94 -17.42
N ASP A 93 2.85 -33.58 -18.55
CA ASP A 93 2.35 -32.84 -19.69
C ASP A 93 1.03 -32.17 -19.33
N ASP A 94 0.34 -32.73 -18.35
CA ASP A 94 -0.91 -32.17 -17.91
C ASP A 94 -0.55 -30.94 -17.11
N GLN A 95 0.20 -31.17 -16.05
CA GLN A 95 0.65 -30.09 -15.19
C GLN A 95 1.20 -28.97 -16.06
N MET A 96 1.92 -29.34 -17.12
CA MET A 96 2.54 -28.40 -18.03
C MET A 96 1.54 -27.50 -18.78
N THR A 97 0.39 -28.03 -19.17
CA THR A 97 -0.56 -27.20 -19.89
C THR A 97 -1.49 -26.42 -18.98
N LEU A 98 -1.92 -27.05 -17.88
CA LEU A 98 -2.81 -26.39 -16.93
C LEU A 98 -2.27 -25.00 -16.60
N LEU A 99 -1.06 -24.95 -16.05
CA LEU A 99 -0.46 -23.68 -15.71
C LEU A 99 -0.51 -22.81 -16.98
N GLN A 100 -0.02 -23.36 -18.09
CA GLN A 100 0.00 -22.69 -19.39
C GLN A 100 -1.25 -21.88 -19.68
N TYR A 101 -2.39 -22.44 -19.31
CA TYR A 101 -3.66 -21.78 -19.54
C TYR A 101 -3.91 -20.68 -18.51
N SER A 102 -4.17 -21.13 -17.29
CA SER A 102 -4.52 -20.28 -16.16
C SER A 102 -3.44 -19.44 -15.49
N TRP A 103 -2.37 -19.12 -16.20
CA TRP A 103 -1.37 -18.30 -15.56
C TRP A 103 -1.97 -16.90 -15.41
N MET A 104 -2.59 -16.43 -16.48
CA MET A 104 -3.24 -15.11 -16.48
C MET A 104 -4.25 -15.06 -15.34
N SER A 105 -5.20 -15.99 -15.41
CA SER A 105 -6.27 -16.13 -14.43
C SER A 105 -5.76 -16.06 -13.00
N LEU A 106 -4.64 -16.71 -12.73
CA LEU A 106 -4.09 -16.71 -11.39
C LEU A 106 -3.40 -15.39 -11.08
N MET A 107 -2.77 -14.82 -12.09
CA MET A 107 -2.06 -13.54 -11.94
C MET A 107 -3.01 -12.41 -11.60
N ALA A 108 -4.20 -12.47 -12.19
CA ALA A 108 -5.21 -11.45 -11.99
C ALA A 108 -6.00 -11.63 -10.71
N PHE A 109 -6.24 -12.87 -10.31
CA PHE A 109 -7.00 -13.12 -9.11
C PHE A 109 -6.24 -12.68 -7.85
N ALA A 110 -4.95 -13.00 -7.81
CA ALA A 110 -4.11 -12.62 -6.69
C ALA A 110 -4.07 -11.10 -6.56
N LEU A 111 -3.76 -10.40 -7.66
CA LEU A 111 -3.70 -8.93 -7.68
C LEU A 111 -4.98 -8.26 -7.19
N GLY A 112 -6.13 -8.84 -7.56
CA GLY A 112 -7.40 -8.28 -7.13
C GLY A 112 -7.35 -8.24 -5.62
N TRP A 113 -6.93 -9.37 -5.06
CA TRP A 113 -6.77 -9.55 -3.61
C TRP A 113 -5.95 -8.38 -3.07
N ARG A 114 -4.73 -8.28 -3.56
CA ARG A 114 -3.83 -7.23 -3.14
C ARG A 114 -4.48 -5.84 -3.13
N SER A 115 -5.17 -5.48 -4.21
CA SER A 115 -5.82 -4.18 -4.27
C SER A 115 -6.94 -4.11 -3.23
N TYR A 116 -7.71 -5.20 -3.15
CA TYR A 116 -8.82 -5.31 -2.22
C TYR A 116 -8.33 -5.14 -0.78
N ARG A 117 -7.12 -5.60 -0.53
CA ARG A 117 -6.50 -5.53 0.80
C ARG A 117 -6.50 -4.21 1.55
N GLN A 118 -6.82 -3.10 0.89
CA GLN A 118 -6.84 -1.78 1.54
C GLN A 118 -7.19 -0.64 0.59
N SER A 119 -6.74 -0.78 -0.65
CA SER A 119 -6.99 0.20 -1.70
C SER A 119 -8.49 0.43 -1.91
N SER A 120 -9.01 1.36 -1.11
CA SER A 120 -10.42 1.70 -1.15
C SER A 120 -10.68 2.56 -2.39
N ALA A 121 -9.62 3.25 -2.83
CA ALA A 121 -9.70 4.10 -4.01
C ALA A 121 -9.66 3.19 -5.24
N ASN A 122 -9.77 1.89 -4.98
CA ASN A 122 -9.77 0.88 -6.02
C ASN A 122 -8.36 0.64 -6.53
N LEU A 123 -7.46 1.59 -6.23
CA LEU A 123 -6.05 1.53 -6.64
C LEU A 123 -5.54 0.13 -6.96
N LEU A 124 -5.04 -0.02 -8.19
CA LEU A 124 -4.50 -1.29 -8.61
C LEU A 124 -3.17 -1.46 -7.94
N CYS A 125 -3.06 -2.50 -7.15
CA CYS A 125 -1.84 -2.78 -6.45
C CYS A 125 -1.09 -3.95 -7.09
N PHE A 126 -0.08 -3.63 -7.90
CA PHE A 126 0.71 -4.64 -8.57
C PHE A 126 1.84 -5.14 -7.73
N ALA A 127 2.42 -4.23 -6.96
CA ALA A 127 3.53 -4.57 -6.10
C ALA A 127 3.47 -3.61 -4.94
N PRO A 128 4.23 -3.91 -3.87
CA PRO A 128 4.24 -3.02 -2.71
C PRO A 128 4.83 -1.64 -3.04
N ASP A 129 5.46 -1.54 -4.20
CA ASP A 129 6.07 -0.30 -4.64
C ASP A 129 5.47 0.17 -5.97
N LEU A 130 4.63 -0.66 -6.58
CA LEU A 130 4.00 -0.28 -7.83
C LEU A 130 2.50 -0.41 -7.71
N ILE A 131 1.90 0.70 -7.30
CA ILE A 131 0.47 0.83 -7.11
C ILE A 131 -0.02 1.77 -8.18
N ILE A 132 -1.29 1.68 -8.55
CA ILE A 132 -1.83 2.57 -9.56
C ILE A 132 -2.96 3.39 -8.97
N ASN A 133 -2.63 4.66 -8.72
CA ASN A 133 -3.52 5.61 -8.13
C ASN A 133 -4.46 6.29 -9.09
N GLU A 134 -5.17 7.27 -8.54
CA GLU A 134 -6.12 8.06 -9.27
C GLU A 134 -5.51 8.56 -10.56
N GLN A 135 -4.47 9.39 -10.47
CA GLN A 135 -3.85 9.97 -11.66
C GLN A 135 -2.88 9.13 -12.45
N ARG A 136 -2.40 8.01 -11.90
CA ARG A 136 -1.50 7.18 -12.66
C ARG A 136 -2.42 6.45 -13.61
N MET A 137 -3.66 6.28 -13.18
CA MET A 137 -4.68 5.61 -13.96
C MET A 137 -5.11 6.45 -15.18
N THR A 138 -4.94 7.77 -15.07
CA THR A 138 -5.32 8.71 -16.12
C THR A 138 -4.40 8.63 -17.32
N LEU A 139 -3.30 7.92 -17.16
CA LEU A 139 -2.34 7.77 -18.25
C LEU A 139 -2.97 7.12 -19.49
N PRO A 140 -2.27 7.21 -20.63
CA PRO A 140 -2.63 6.70 -21.95
C PRO A 140 -2.96 5.22 -22.00
N ASP A 141 -4.18 4.92 -22.42
CA ASP A 141 -4.67 3.56 -22.57
C ASP A 141 -4.34 2.77 -21.32
N MET A 142 -4.53 3.40 -20.17
CA MET A 142 -4.26 2.77 -18.88
C MET A 142 -5.55 2.22 -18.31
N TYR A 143 -6.43 3.12 -17.91
CA TYR A 143 -7.72 2.70 -17.39
C TYR A 143 -8.37 1.82 -18.46
N ASP A 144 -7.92 2.02 -19.70
CA ASP A 144 -8.43 1.30 -20.87
C ASP A 144 -8.31 -0.21 -20.71
N GLN A 145 -7.52 -0.62 -19.72
CA GLN A 145 -7.29 -2.04 -19.47
C GLN A 145 -7.35 -2.39 -17.99
N CYS A 146 -7.08 -1.42 -17.14
CA CYS A 146 -7.12 -1.69 -15.71
C CYS A 146 -8.55 -1.97 -15.27
N LYS A 147 -9.51 -1.35 -15.96
CA LYS A 147 -10.93 -1.53 -15.64
C LYS A 147 -11.30 -2.97 -15.36
N HIS A 148 -10.65 -3.88 -16.06
CA HIS A 148 -10.91 -5.29 -15.93
C HIS A 148 -10.36 -5.83 -14.61
N MET A 149 -9.12 -5.46 -14.33
CA MET A 149 -8.45 -5.88 -13.10
C MET A 149 -9.19 -5.31 -11.88
N LEU A 150 -9.72 -4.10 -12.04
CA LEU A 150 -10.46 -3.47 -10.97
C LEU A 150 -11.71 -4.29 -10.74
N TYR A 151 -12.24 -4.86 -11.82
CA TYR A 151 -13.43 -5.66 -11.69
C TYR A 151 -13.27 -6.60 -10.51
N VAL A 152 -12.24 -7.43 -10.57
CA VAL A 152 -11.93 -8.39 -9.50
C VAL A 152 -11.96 -7.79 -8.10
N SER A 153 -10.92 -7.06 -7.74
CA SER A 153 -10.87 -6.44 -6.43
C SER A 153 -12.21 -5.84 -5.99
N SER A 154 -12.87 -5.11 -6.90
CA SER A 154 -14.16 -4.48 -6.61
C SER A 154 -15.21 -5.54 -6.34
N GLU A 155 -15.08 -6.67 -7.03
CA GLU A 155 -15.99 -7.79 -6.90
C GLU A 155 -15.67 -8.53 -5.62
N LEU A 156 -14.38 -8.79 -5.40
CA LEU A 156 -13.92 -9.48 -4.21
C LEU A 156 -14.38 -8.67 -3.01
N HIS A 157 -14.27 -7.35 -3.16
CA HIS A 157 -14.67 -6.44 -2.12
C HIS A 157 -16.17 -6.48 -1.95
N ARG A 158 -16.87 -6.87 -3.01
CA ARG A 158 -18.34 -6.95 -2.96
C ARG A 158 -18.78 -8.23 -2.28
N LEU A 159 -17.90 -9.21 -2.23
CA LEU A 159 -18.24 -10.47 -1.62
C LEU A 159 -17.42 -10.75 -0.36
N GLN A 160 -16.65 -9.76 0.09
CA GLN A 160 -15.83 -9.89 1.32
C GLN A 160 -15.12 -11.23 1.49
N VAL A 161 -14.56 -11.74 0.39
CA VAL A 161 -13.87 -13.02 0.43
C VAL A 161 -12.75 -13.10 1.48
N SER A 162 -12.81 -14.12 2.32
CA SER A 162 -11.81 -14.32 3.34
C SER A 162 -10.59 -14.94 2.68
N TYR A 163 -9.44 -14.68 3.28
CA TYR A 163 -8.16 -15.18 2.79
C TYR A 163 -8.22 -16.66 2.56
N GLU A 164 -9.03 -17.32 3.39
CA GLU A 164 -9.19 -18.76 3.27
C GLU A 164 -9.87 -19.08 1.97
N GLU A 165 -11.03 -18.47 1.73
CA GLU A 165 -11.80 -18.71 0.52
C GLU A 165 -10.99 -18.33 -0.71
N TYR A 166 -10.28 -17.21 -0.62
CA TYR A 166 -9.44 -16.74 -1.71
C TYR A 166 -8.39 -17.78 -2.08
N LEU A 167 -7.68 -18.30 -1.08
CA LEU A 167 -6.67 -19.32 -1.30
C LEU A 167 -7.24 -20.49 -2.09
N CYS A 168 -8.37 -21.01 -1.60
CA CYS A 168 -9.08 -22.16 -2.18
C CYS A 168 -9.57 -21.90 -3.59
N MET A 169 -10.02 -20.68 -3.85
CA MET A 169 -10.50 -20.32 -5.18
C MET A 169 -9.27 -20.14 -6.05
N LYS A 170 -8.25 -19.52 -5.47
CA LYS A 170 -7.01 -19.29 -6.18
C LYS A 170 -6.61 -20.60 -6.84
N THR A 171 -6.59 -21.66 -6.04
CA THR A 171 -6.20 -22.99 -6.50
C THR A 171 -7.16 -23.51 -7.57
N LEU A 172 -8.45 -23.31 -7.37
CA LEU A 172 -9.48 -23.76 -8.31
C LEU A 172 -9.41 -23.08 -9.68
N LEU A 173 -8.80 -21.90 -9.73
CA LEU A 173 -8.65 -21.15 -10.98
C LEU A 173 -7.57 -21.80 -11.82
N LEU A 174 -6.74 -22.61 -11.16
CA LEU A 174 -5.65 -23.33 -11.83
C LEU A 174 -6.31 -24.39 -12.71
N LEU A 175 -7.53 -24.76 -12.32
CA LEU A 175 -8.30 -25.79 -12.99
C LEU A 175 -9.46 -25.21 -13.77
N SER A 176 -9.53 -23.89 -13.89
CA SER A 176 -10.61 -23.23 -14.60
C SER A 176 -10.77 -23.70 -16.03
N SER A 177 -9.66 -24.04 -16.69
CA SER A 177 -9.73 -24.47 -18.09
C SER A 177 -8.82 -25.66 -18.42
N VAL A 178 -9.34 -26.50 -19.31
CA VAL A 178 -8.65 -27.71 -19.77
C VAL A 178 -8.79 -27.85 -21.30
N PRO A 179 -8.11 -28.85 -21.88
CA PRO A 179 -8.12 -29.12 -23.32
C PRO A 179 -9.49 -29.07 -23.96
N LYS A 180 -9.91 -30.21 -24.49
CA LYS A 180 -11.20 -30.32 -25.16
C LYS A 180 -11.34 -31.84 -25.21
N ASP A 181 -10.24 -32.48 -24.80
CA ASP A 181 -10.07 -33.91 -24.78
C ASP A 181 -9.46 -34.33 -23.44
N GLY A 182 -9.70 -33.53 -22.40
CA GLY A 182 -9.17 -33.84 -21.08
C GLY A 182 -7.67 -34.07 -21.08
N LEU A 183 -7.14 -34.61 -19.98
CA LEU A 183 -5.70 -34.85 -19.89
C LEU A 183 -5.30 -36.27 -19.51
N LYS A 184 -4.04 -36.59 -19.75
CA LYS A 184 -3.49 -37.90 -19.46
C LYS A 184 -3.77 -38.32 -18.02
N SER A 185 -4.26 -37.37 -17.22
CA SER A 185 -4.59 -37.61 -15.83
C SER A 185 -5.94 -37.02 -15.48
N GLN A 186 -6.84 -36.97 -16.45
CA GLN A 186 -8.18 -36.42 -16.20
C GLN A 186 -8.78 -36.97 -14.91
N GLU A 187 -8.96 -38.29 -14.87
CA GLU A 187 -9.50 -38.98 -13.71
C GLU A 187 -8.92 -38.41 -12.40
N LEU A 188 -7.60 -38.25 -12.39
CA LEU A 188 -6.87 -37.71 -11.24
C LEU A 188 -7.37 -36.28 -11.09
N PHE A 189 -6.99 -35.46 -12.06
CA PHE A 189 -7.38 -34.06 -12.12
C PHE A 189 -8.72 -33.76 -11.45
N ASP A 190 -9.77 -34.41 -11.95
CA ASP A 190 -11.09 -34.22 -11.40
C ASP A 190 -11.03 -34.60 -9.93
N GLU A 191 -10.55 -35.81 -9.69
CA GLU A 191 -10.40 -36.35 -8.35
C GLU A 191 -9.97 -35.20 -7.43
N ILE A 192 -8.83 -34.63 -7.73
CA ILE A 192 -8.25 -33.51 -6.98
C ILE A 192 -9.24 -32.35 -6.89
N ARG A 193 -9.47 -31.72 -8.04
CA ARG A 193 -10.38 -30.58 -8.17
C ARG A 193 -11.46 -30.59 -7.10
N MET A 194 -12.34 -31.59 -7.19
CA MET A 194 -13.43 -31.73 -6.24
C MET A 194 -12.97 -31.51 -4.80
N THR A 195 -11.92 -32.23 -4.40
CA THR A 195 -11.40 -32.15 -3.05
C THR A 195 -11.24 -30.68 -2.63
N TYR A 196 -10.90 -29.83 -3.58
CA TYR A 196 -10.75 -28.42 -3.23
C TYR A 196 -12.13 -27.80 -3.20
N ILE A 197 -12.99 -28.20 -4.14
CA ILE A 197 -14.35 -27.67 -4.17
C ILE A 197 -14.98 -28.06 -2.84
N LYS A 198 -14.36 -29.03 -2.19
CA LYS A 198 -14.85 -29.52 -0.90
C LYS A 198 -14.20 -28.71 0.21
N GLU A 199 -12.92 -28.38 0.00
CA GLU A 199 -12.13 -27.60 0.93
C GLU A 199 -12.71 -26.18 1.00
N LEU A 200 -13.24 -25.72 -0.13
CA LEU A 200 -13.85 -24.40 -0.24
C LEU A 200 -15.18 -24.39 0.53
N GLY A 201 -15.88 -25.51 0.47
CA GLY A 201 -17.14 -25.62 1.19
C GLY A 201 -16.85 -25.43 2.67
N LYS A 202 -15.93 -26.24 3.20
CA LYS A 202 -15.55 -26.15 4.61
C LYS A 202 -15.16 -24.72 4.91
N ALA A 203 -14.49 -24.08 3.95
CA ALA A 203 -14.03 -22.69 4.06
C ALA A 203 -15.19 -21.72 4.25
N ILE A 204 -16.20 -21.84 3.39
CA ILE A 204 -17.38 -21.01 3.45
C ILE A 204 -18.09 -21.33 4.76
N VAL A 205 -18.19 -22.61 5.07
CA VAL A 205 -18.84 -23.07 6.30
C VAL A 205 -18.44 -22.18 7.46
N LYS A 206 -17.16 -22.26 7.86
CA LYS A 206 -16.62 -21.44 8.95
C LYS A 206 -17.26 -20.08 8.66
N ARG A 207 -17.93 -19.54 9.66
CA ARG A 207 -18.67 -18.29 9.50
C ARG A 207 -20.02 -18.65 8.90
N SER A 211 -22.81 -20.21 8.93
CA SER A 211 -23.83 -21.25 8.64
C SER A 211 -25.20 -20.66 8.29
N SER A 212 -26.13 -21.53 7.89
CA SER A 212 -27.48 -21.16 7.48
C SER A 212 -27.59 -21.57 6.02
N GLN A 213 -27.97 -20.61 5.18
CA GLN A 213 -28.11 -20.79 3.75
C GLN A 213 -26.76 -20.75 3.04
N ASN A 214 -25.68 -21.11 3.75
CA ASN A 214 -24.32 -21.08 3.19
C ASN A 214 -24.32 -21.38 1.71
N TRP A 215 -25.32 -22.14 1.27
CA TRP A 215 -25.46 -22.50 -0.13
C TRP A 215 -25.52 -21.37 -1.13
N GLN A 216 -26.03 -20.19 -0.74
CA GLN A 216 -26.08 -19.05 -1.64
C GLN A 216 -24.71 -18.45 -1.77
N ARG A 217 -24.08 -18.24 -0.62
CA ARG A 217 -22.73 -17.70 -0.54
C ARG A 217 -21.91 -18.51 -1.56
N PHE A 218 -22.00 -19.83 -1.46
CA PHE A 218 -21.30 -20.73 -2.36
C PHE A 218 -21.57 -20.32 -3.81
N TYR A 219 -22.85 -20.10 -4.14
CA TYR A 219 -23.27 -19.72 -5.49
C TYR A 219 -22.54 -18.49 -6.02
N GLN A 220 -22.62 -17.41 -5.26
CA GLN A 220 -21.98 -16.15 -5.64
C GLN A 220 -20.53 -16.39 -6.02
N LEU A 221 -19.78 -16.93 -5.07
CA LEU A 221 -18.36 -17.22 -5.27
C LEU A 221 -18.16 -18.01 -6.57
N THR A 222 -18.85 -19.14 -6.65
CA THR A 222 -18.80 -20.03 -7.79
C THR A 222 -19.06 -19.32 -9.13
N LYS A 223 -19.98 -18.36 -9.15
CA LYS A 223 -20.24 -17.67 -10.39
C LYS A 223 -19.11 -16.70 -10.73
N LEU A 224 -18.25 -16.42 -9.76
CA LEU A 224 -17.13 -15.51 -9.97
C LEU A 224 -15.88 -16.18 -10.48
N LEU A 225 -15.78 -17.49 -10.32
CA LEU A 225 -14.63 -18.18 -10.85
C LEU A 225 -14.90 -18.33 -12.35
N ASP A 226 -16.18 -18.28 -12.72
CA ASP A 226 -16.61 -18.39 -14.11
C ASP A 226 -16.46 -17.04 -14.78
N SER A 227 -16.64 -15.99 -13.98
CA SER A 227 -16.50 -14.63 -14.47
C SER A 227 -15.06 -14.45 -14.96
N MET A 228 -14.12 -14.99 -14.21
CA MET A 228 -12.71 -14.92 -14.52
C MET A 228 -12.38 -15.36 -15.93
N HIS A 229 -13.15 -16.29 -16.46
CA HIS A 229 -12.91 -16.78 -17.80
C HIS A 229 -12.99 -15.66 -18.83
N GLU A 230 -13.96 -14.78 -18.65
CA GLU A 230 -14.11 -13.64 -19.56
C GLU A 230 -12.97 -12.71 -19.26
N VAL A 231 -12.80 -12.43 -17.97
CA VAL A 231 -11.73 -11.57 -17.49
C VAL A 231 -10.39 -12.00 -18.11
N VAL A 232 -9.95 -13.22 -17.80
CA VAL A 232 -8.70 -13.73 -18.32
C VAL A 232 -8.66 -13.58 -19.83
N GLU A 233 -9.83 -13.47 -20.44
CA GLU A 233 -9.93 -13.32 -21.89
C GLU A 233 -9.56 -11.96 -22.43
N ASN A 234 -10.24 -10.93 -21.96
CA ASN A 234 -9.96 -9.54 -22.40
C ASN A 234 -8.50 -9.16 -22.21
N LEU A 235 -7.89 -9.75 -21.17
CA LEU A 235 -6.52 -9.50 -20.81
C LEU A 235 -5.55 -10.07 -21.83
N LEU A 236 -5.94 -11.19 -22.40
CA LEU A 236 -5.13 -11.83 -23.41
C LEU A 236 -5.27 -11.02 -24.70
N ASN A 237 -6.49 -10.54 -24.96
CA ASN A 237 -6.75 -9.73 -26.16
C ASN A 237 -5.91 -8.45 -26.15
N TYR A 238 -5.62 -7.95 -24.95
CA TYR A 238 -4.83 -6.74 -24.82
C TYR A 238 -3.36 -7.07 -24.77
N CYS A 239 -3.05 -8.18 -24.10
CA CYS A 239 -1.70 -8.67 -23.95
C CYS A 239 -1.11 -9.17 -25.26
N PHE A 240 -1.93 -9.73 -26.14
CA PHE A 240 -1.38 -10.22 -27.39
C PHE A 240 -1.04 -9.13 -28.38
N GLN A 241 -1.87 -8.09 -28.49
CA GLN A 241 -1.56 -7.02 -29.41
C GLN A 241 -0.24 -6.44 -29.01
N THR A 242 -0.17 -5.98 -27.76
CA THR A 242 1.02 -5.36 -27.17
C THR A 242 2.28 -6.24 -27.27
N PHE A 243 2.04 -7.54 -27.26
CA PHE A 243 3.11 -8.50 -27.37
C PHE A 243 3.53 -8.56 -28.84
N LEU A 244 2.59 -8.24 -29.74
CA LEU A 244 2.79 -8.24 -31.19
C LEU A 244 3.40 -6.96 -31.74
N ASP A 245 2.65 -5.86 -31.62
CA ASP A 245 3.09 -4.55 -32.14
C ASP A 245 4.32 -3.98 -31.45
N LYS A 246 5.36 -3.70 -32.24
CA LYS A 246 6.56 -3.10 -31.70
C LYS A 246 6.49 -1.60 -31.93
N THR A 247 5.32 -1.14 -32.37
CA THR A 247 5.02 0.27 -32.61
C THR A 247 4.41 0.71 -31.27
N MET A 248 4.51 -0.20 -30.30
CA MET A 248 4.03 -0.03 -28.93
C MET A 248 5.23 0.30 -28.06
N SER A 249 6.27 -0.52 -28.22
CA SER A 249 7.53 -0.41 -27.49
C SER A 249 7.48 -1.02 -26.08
N ILE A 250 6.64 -2.05 -25.92
CA ILE A 250 6.49 -2.74 -24.65
C ILE A 250 7.26 -4.06 -24.72
N GLU A 251 7.96 -4.40 -23.63
CA GLU A 251 8.78 -5.61 -23.57
C GLU A 251 8.35 -6.68 -22.53
N PHE A 252 8.35 -7.95 -22.93
CA PHE A 252 7.98 -9.04 -22.03
C PHE A 252 9.19 -9.86 -21.60
N PRO A 253 9.18 -10.43 -20.38
CA PRO A 253 10.37 -11.21 -20.05
C PRO A 253 10.24 -12.48 -20.88
N GLU A 254 11.32 -13.24 -21.00
CA GLU A 254 11.26 -14.48 -21.79
C GLU A 254 10.17 -15.43 -21.29
N MET A 255 10.06 -15.57 -19.97
CA MET A 255 9.05 -16.46 -19.40
C MET A 255 7.74 -16.42 -20.17
N LEU A 256 7.13 -15.25 -20.22
CA LEU A 256 5.87 -15.06 -20.90
C LEU A 256 6.00 -15.24 -22.40
N ALA A 257 7.22 -15.28 -22.90
CA ALA A 257 7.41 -15.46 -24.35
C ALA A 257 6.97 -16.89 -24.71
N GLU A 258 7.76 -17.86 -24.29
CA GLU A 258 7.47 -19.27 -24.53
C GLU A 258 5.97 -19.43 -24.30
N ILE A 259 5.54 -19.01 -23.11
CA ILE A 259 4.15 -19.07 -22.67
C ILE A 259 3.12 -18.41 -23.56
N ILE A 260 3.39 -17.18 -23.99
CA ILE A 260 2.47 -16.46 -24.87
C ILE A 260 2.52 -17.13 -26.20
N THR A 261 3.65 -16.94 -26.88
CA THR A 261 3.94 -17.52 -28.17
C THR A 261 3.10 -18.77 -28.36
N ASN A 262 3.34 -19.71 -27.47
CA ASN A 262 2.64 -20.99 -27.49
C ASN A 262 1.11 -20.76 -27.49
N GLN A 263 0.57 -20.54 -26.30
CA GLN A 263 -0.86 -20.31 -26.09
C GLN A 263 -1.60 -19.40 -27.06
N ILE A 264 -0.89 -18.62 -27.89
CA ILE A 264 -1.59 -17.70 -28.77
C ILE A 264 -2.46 -18.29 -29.87
N PRO A 265 -1.94 -18.47 -31.10
CA PRO A 265 -2.82 -19.05 -32.13
C PRO A 265 -3.36 -20.41 -31.66
N LYS A 266 -2.74 -20.91 -30.59
CA LYS A 266 -3.11 -22.18 -29.97
C LYS A 266 -4.57 -22.12 -29.54
N TYR A 267 -4.81 -21.58 -28.36
CA TYR A 267 -6.17 -21.48 -27.82
C TYR A 267 -7.15 -20.76 -28.76
N SER A 268 -6.58 -20.04 -29.74
CA SER A 268 -7.37 -19.28 -30.73
C SER A 268 -7.87 -20.18 -31.85
N ASN A 269 -7.98 -21.46 -31.51
CA ASN A 269 -8.47 -22.52 -32.40
C ASN A 269 -9.52 -23.30 -31.61
N GLY A 270 -10.10 -22.67 -30.59
CA GLY A 270 -11.10 -23.33 -29.77
C GLY A 270 -10.71 -24.75 -29.37
N ASN A 271 -9.41 -24.98 -29.25
CA ASN A 271 -8.87 -26.29 -28.89
C ASN A 271 -8.85 -26.52 -27.38
N ILE A 272 -9.23 -25.48 -26.64
CA ILE A 272 -9.27 -25.52 -25.17
C ILE A 272 -10.70 -25.51 -24.65
N LYS A 273 -10.81 -25.71 -23.33
CA LYS A 273 -12.10 -25.77 -22.67
C LYS A 273 -12.17 -24.93 -21.40
N LYS A 274 -13.02 -23.91 -21.44
CA LYS A 274 -13.18 -23.03 -20.30
C LYS A 274 -14.20 -23.70 -19.39
N LEU A 275 -13.72 -24.40 -18.37
CA LEU A 275 -14.59 -25.10 -17.42
C LEU A 275 -15.50 -24.19 -16.60
N LEU A 276 -16.76 -24.56 -16.56
CA LEU A 276 -17.76 -23.79 -15.85
C LEU A 276 -18.35 -24.48 -14.64
N PHE A 277 -19.34 -23.80 -14.08
CA PHE A 277 -20.12 -24.25 -12.94
C PHE A 277 -21.58 -24.07 -13.33
N HIS A 278 -21.88 -22.87 -13.84
CA HIS A 278 -23.23 -22.46 -14.26
C HIS A 278 -23.30 -22.05 -15.74
N GLN A 279 -24.17 -22.71 -16.51
CA GLN A 279 -24.33 -22.42 -17.94
C GLN A 279 -25.48 -21.45 -18.24
N ALA B 4 8.91 -24.78 -22.63
CA ALA B 4 10.35 -25.22 -22.71
C ALA B 4 11.03 -25.15 -21.33
N LEU B 5 11.49 -23.97 -20.92
CA LEU B 5 12.09 -23.83 -19.61
C LEU B 5 10.97 -24.22 -18.65
N LEU B 6 9.75 -23.81 -18.99
CA LEU B 6 8.57 -24.10 -18.21
C LEU B 6 8.59 -25.58 -17.81
N ARG B 7 9.15 -26.43 -18.66
CA ARG B 7 9.23 -27.86 -18.38
C ARG B 7 10.39 -28.16 -17.44
N TYR B 8 11.52 -27.49 -17.64
CA TYR B 8 12.69 -27.69 -16.79
C TYR B 8 12.33 -27.25 -15.39
N LEU B 9 11.67 -26.09 -15.31
CA LEU B 9 11.26 -25.57 -14.02
C LEU B 9 10.26 -26.57 -13.45
N LEU B 10 9.31 -27.00 -14.28
CA LEU B 10 8.30 -27.96 -13.84
C LEU B 10 8.95 -29.27 -13.39
N ASP B 11 9.84 -29.81 -14.20
CA ASP B 11 10.53 -31.07 -13.87
C ASP B 11 12.02 -30.84 -13.57
N LYS B 12 12.29 -30.22 -12.42
CA LYS B 12 13.66 -29.95 -11.95
C LYS B 12 13.68 -30.04 -10.42
N THR C 32 -6.10 -33.06 2.41
CA THR C 32 -5.45 -34.41 2.35
C THR C 32 -3.95 -34.43 2.75
N PRO C 33 -3.56 -33.75 3.87
CA PRO C 33 -2.13 -33.78 4.24
C PRO C 33 -1.81 -34.35 5.65
N THR C 34 -0.51 -34.47 5.92
CA THR C 34 0.05 -34.95 7.17
C THR C 34 0.51 -33.72 7.93
N LEU C 35 1.28 -33.95 8.98
CA LEU C 35 1.85 -32.89 9.80
C LEU C 35 3.29 -32.75 9.32
N VAL C 36 3.86 -33.88 8.89
CA VAL C 36 5.24 -33.96 8.40
C VAL C 36 5.43 -33.02 7.22
N SER C 37 4.69 -33.32 6.15
CA SER C 37 4.72 -32.55 4.92
C SER C 37 4.70 -31.05 5.20
N LEU C 38 4.02 -30.66 6.27
CA LEU C 38 3.96 -29.27 6.62
C LEU C 38 5.37 -28.76 6.98
N LEU C 39 6.07 -29.51 7.81
CA LEU C 39 7.43 -29.15 8.25
C LEU C 39 8.41 -29.02 7.09
N GLU C 40 8.02 -29.56 5.94
CA GLU C 40 8.84 -29.52 4.73
C GLU C 40 8.50 -28.34 3.86
N VAL C 41 7.23 -28.01 3.78
CA VAL C 41 6.80 -26.90 2.96
C VAL C 41 6.97 -25.57 3.66
N ILE C 42 7.14 -25.61 4.97
CA ILE C 42 7.34 -24.41 5.79
C ILE C 42 8.85 -24.22 5.85
N GLU C 43 9.54 -25.21 5.31
CA GLU C 43 10.99 -25.24 5.27
C GLU C 43 11.56 -24.13 4.41
N PRO C 44 12.26 -23.17 5.05
CA PRO C 44 12.86 -22.03 4.35
C PRO C 44 13.88 -22.47 3.30
N GLU C 45 14.54 -21.50 2.69
CA GLU C 45 15.51 -21.82 1.64
C GLU C 45 16.89 -21.25 1.89
N VAL C 46 17.89 -21.99 1.41
CA VAL C 46 19.27 -21.56 1.57
C VAL C 46 19.40 -20.11 1.18
N LEU C 47 19.90 -19.33 2.13
CA LEU C 47 20.12 -17.91 1.91
C LEU C 47 21.49 -17.77 1.25
N TYR C 48 21.68 -16.69 0.50
CA TYR C 48 22.96 -16.49 -0.14
C TYR C 48 23.85 -15.54 0.67
N ALA C 49 24.88 -16.13 1.26
CA ALA C 49 25.84 -15.42 2.10
C ALA C 49 26.26 -14.08 1.52
N GLY C 50 26.48 -14.03 0.20
CA GLY C 50 26.89 -12.79 -0.46
C GLY C 50 28.38 -12.48 -0.34
N TYR C 51 29.17 -13.54 -0.34
CA TYR C 51 30.61 -13.42 -0.20
C TYR C 51 31.33 -12.95 -1.46
N ASP C 52 32.33 -12.09 -1.24
CA ASP C 52 33.16 -11.52 -2.29
C ASP C 52 34.10 -12.55 -2.88
N SER C 53 34.85 -13.21 -2.00
CA SER C 53 35.84 -14.22 -2.38
C SER C 53 36.98 -13.53 -3.13
N SER C 54 36.79 -13.17 -4.42
CA SER C 54 37.80 -12.47 -5.24
C SER C 54 38.99 -12.08 -4.37
N VAL C 55 38.70 -11.21 -3.41
CA VAL C 55 39.66 -10.73 -2.42
C VAL C 55 40.11 -11.91 -1.52
N PRO C 56 41.36 -12.37 -1.66
CA PRO C 56 41.88 -13.49 -0.85
C PRO C 56 41.19 -13.55 0.53
N ASP C 57 40.68 -14.72 0.89
CA ASP C 57 39.97 -14.86 2.16
C ASP C 57 40.70 -14.37 3.40
N SER C 58 39.96 -14.36 4.52
CA SER C 58 40.46 -13.90 5.82
C SER C 58 39.55 -14.49 6.90
N THR C 59 40.12 -15.02 7.97
CA THR C 59 39.30 -15.62 9.04
C THR C 59 38.13 -14.75 9.48
N TRP C 60 38.38 -13.47 9.80
CA TRP C 60 37.29 -12.60 10.26
C TRP C 60 36.45 -12.04 9.12
N ARG C 61 37.08 -11.76 7.98
CA ARG C 61 36.33 -11.24 6.83
C ARG C 61 35.35 -12.32 6.46
N ILE C 62 35.60 -13.52 6.99
CA ILE C 62 34.74 -14.66 6.73
C ILE C 62 33.70 -14.90 7.82
N MET C 63 34.06 -14.67 9.08
CA MET C 63 33.12 -14.86 10.19
C MET C 63 32.03 -13.83 10.18
N THR C 64 32.42 -12.57 10.07
CA THR C 64 31.47 -11.46 10.03
C THR C 64 30.35 -11.89 9.08
N THR C 65 30.75 -12.17 7.85
CA THR C 65 29.86 -12.61 6.79
C THR C 65 28.89 -13.68 7.27
N LEU C 66 29.37 -14.54 8.15
CA LEU C 66 28.57 -15.62 8.70
C LEU C 66 27.50 -15.15 9.66
N ASN C 67 27.89 -14.26 10.57
CA ASN C 67 26.94 -13.75 11.53
C ASN C 67 25.83 -13.09 10.73
N MET C 68 26.20 -12.27 9.75
CA MET C 68 25.22 -11.59 8.91
C MET C 68 24.24 -12.58 8.30
N LEU C 69 24.79 -13.62 7.69
CA LEU C 69 23.97 -14.66 7.08
C LEU C 69 23.11 -15.32 8.16
N GLY C 70 23.77 -15.84 9.19
CA GLY C 70 23.08 -16.50 10.29
C GLY C 70 21.93 -15.69 10.83
N GLY C 71 22.14 -14.40 11.00
CA GLY C 71 21.10 -13.52 11.51
C GLY C 71 19.83 -13.57 10.68
N ARG C 72 20.00 -13.64 9.37
CA ARG C 72 18.89 -13.69 8.43
C ARG C 72 18.22 -15.04 8.60
N GLN C 73 19.04 -16.09 8.58
CA GLN C 73 18.55 -17.46 8.74
C GLN C 73 17.75 -17.54 10.01
N VAL C 74 18.09 -16.67 10.95
CA VAL C 74 17.42 -16.58 12.24
C VAL C 74 16.02 -16.00 12.04
N ILE C 75 15.99 -14.81 11.47
CA ILE C 75 14.75 -14.11 11.17
C ILE C 75 13.85 -15.07 10.40
N ALA C 76 14.49 -15.92 9.60
CA ALA C 76 13.77 -16.90 8.83
C ALA C 76 13.25 -17.97 9.74
N ALA C 77 14.05 -18.30 10.75
CA ALA C 77 13.70 -19.33 11.70
C ALA C 77 12.44 -18.95 12.44
N VAL C 78 12.31 -17.66 12.73
CA VAL C 78 11.15 -17.15 13.43
C VAL C 78 9.90 -17.35 12.60
N LYS C 79 10.00 -16.97 11.34
CA LYS C 79 8.91 -17.13 10.39
C LYS C 79 8.53 -18.61 10.38
N TRP C 80 9.56 -19.46 10.31
CA TRP C 80 9.40 -20.90 10.29
C TRP C 80 8.73 -21.38 11.56
N ALA C 81 9.17 -20.86 12.70
CA ALA C 81 8.62 -21.25 13.98
C ALA C 81 7.13 -21.01 14.00
N LYS C 82 6.73 -19.77 13.75
CA LYS C 82 5.32 -19.39 13.74
C LYS C 82 4.48 -20.28 12.85
N ALA C 83 5.11 -20.81 11.79
CA ALA C 83 4.45 -21.69 10.80
C ALA C 83 4.29 -23.14 11.26
N ILE C 84 4.86 -23.44 12.42
CA ILE C 84 4.78 -24.76 13.01
C ILE C 84 3.47 -24.87 13.79
N PRO C 85 2.72 -25.97 13.58
CA PRO C 85 1.44 -26.24 14.24
C PRO C 85 1.51 -26.19 15.75
N GLY C 86 0.60 -25.42 16.34
CA GLY C 86 0.54 -25.31 17.79
C GLY C 86 1.53 -24.32 18.37
N PHE C 87 2.50 -23.92 17.57
CA PHE C 87 3.48 -22.97 18.07
C PHE C 87 2.81 -21.65 18.44
N ARG C 88 2.05 -21.10 17.50
CA ARG C 88 1.38 -19.84 17.72
C ARG C 88 0.48 -19.87 18.96
N ASN C 89 -0.19 -20.99 19.16
CA ASN C 89 -1.10 -21.19 20.30
C ASN C 89 -0.41 -21.01 21.63
N LEU C 90 0.87 -21.36 21.68
CA LEU C 90 1.63 -21.21 22.90
C LEU C 90 1.53 -19.78 23.39
N HIS C 91 1.95 -19.56 24.62
CA HIS C 91 1.95 -18.22 25.16
C HIS C 91 3.21 -17.60 24.54
N LEU C 92 3.06 -16.42 23.94
CA LEU C 92 4.20 -15.77 23.31
C LEU C 92 5.50 -15.76 24.13
N ASP C 93 5.40 -15.43 25.41
CA ASP C 93 6.60 -15.38 26.25
C ASP C 93 7.35 -16.69 26.29
N ASP C 94 6.66 -17.78 25.91
CA ASP C 94 7.26 -19.11 25.87
C ASP C 94 7.74 -19.30 24.45
N GLN C 95 6.98 -18.74 23.52
CA GLN C 95 7.37 -18.81 22.13
C GLN C 95 8.65 -17.99 22.02
N MET C 96 8.61 -16.78 22.53
CA MET C 96 9.76 -15.90 22.50
C MET C 96 11.01 -16.47 23.17
N THR C 97 10.86 -17.27 24.22
CA THR C 97 12.06 -17.78 24.86
C THR C 97 12.57 -19.07 24.25
N LEU C 98 11.68 -19.86 23.65
CA LEU C 98 12.10 -21.12 23.04
C LEU C 98 13.11 -20.92 21.94
N LEU C 99 12.97 -19.78 21.25
CA LEU C 99 13.87 -19.47 20.16
C LEU C 99 15.20 -18.94 20.66
N GLN C 100 15.21 -18.45 21.90
CA GLN C 100 16.41 -17.88 22.50
C GLN C 100 17.56 -18.84 22.76
N TYR C 101 17.27 -20.04 23.27
CA TYR C 101 18.35 -20.99 23.51
C TYR C 101 18.69 -21.79 22.25
N SER C 102 17.74 -22.65 21.88
CA SER C 102 17.82 -23.56 20.75
C SER C 102 18.11 -23.01 19.34
N TRP C 103 18.24 -21.69 19.19
CA TRP C 103 18.50 -21.11 17.87
C TRP C 103 19.84 -21.51 17.26
N MET C 104 20.88 -21.57 18.07
CA MET C 104 22.22 -21.98 17.63
C MET C 104 22.14 -23.46 17.28
N SER C 105 21.22 -24.11 18.00
CA SER C 105 20.94 -25.54 17.91
C SER C 105 20.32 -25.82 16.59
N LEU C 106 19.44 -24.94 16.17
CA LEU C 106 18.77 -25.10 14.89
C LEU C 106 19.65 -24.66 13.74
N MET C 107 20.40 -23.59 13.97
CA MET C 107 21.29 -23.06 12.95
C MET C 107 22.38 -24.05 12.58
N ALA C 108 22.85 -24.76 13.61
CA ALA C 108 23.91 -25.77 13.50
C ALA C 108 23.43 -27.09 12.94
N PHE C 109 22.14 -27.36 13.08
CA PHE C 109 21.56 -28.58 12.57
C PHE C 109 21.39 -28.43 11.07
N ALA C 110 20.66 -27.39 10.69
CA ALA C 110 20.42 -27.09 9.31
C ALA C 110 21.73 -27.27 8.56
N LEU C 111 22.73 -26.52 8.99
CA LEU C 111 24.03 -26.55 8.39
C LEU C 111 24.62 -27.95 8.16
N GLY C 112 24.63 -28.78 9.20
CA GLY C 112 25.20 -30.12 9.07
C GLY C 112 24.47 -30.94 8.03
N TRP C 113 23.22 -30.55 7.82
CA TRP C 113 22.37 -31.19 6.84
C TRP C 113 22.83 -30.79 5.45
N ARG C 114 22.88 -29.49 5.23
CA ARG C 114 23.30 -28.96 3.95
C ARG C 114 24.71 -29.43 3.62
N SER C 115 25.46 -29.85 4.65
CA SER C 115 26.83 -30.33 4.47
C SER C 115 26.81 -31.79 4.09
N TYR C 116 25.92 -32.52 4.75
CA TYR C 116 25.71 -33.94 4.50
C TYR C 116 25.19 -34.12 3.05
N ARG C 117 24.48 -33.12 2.55
CA ARG C 117 23.89 -33.13 1.21
C ARG C 117 24.72 -33.38 -0.06
N GLN C 118 26.03 -33.53 0.05
CA GLN C 118 26.87 -33.74 -1.15
C GLN C 118 28.35 -33.59 -0.86
N SER C 119 28.62 -32.82 0.17
CA SER C 119 29.97 -32.55 0.61
C SER C 119 30.63 -33.79 1.21
N SER C 120 31.46 -34.44 0.40
CA SER C 120 32.15 -35.64 0.88
C SER C 120 33.54 -35.30 1.44
N ALA C 121 34.15 -34.23 0.95
CA ALA C 121 35.46 -33.87 1.48
C ALA C 121 35.25 -33.66 2.98
N ASN C 122 33.96 -33.56 3.34
CA ASN C 122 33.47 -33.35 4.70
C ASN C 122 32.87 -31.94 4.77
N LEU C 123 33.50 -31.02 4.02
CA LEU C 123 33.17 -29.57 3.88
C LEU C 123 31.91 -28.96 4.52
N LEU C 124 32.02 -27.71 4.98
CA LEU C 124 30.89 -27.01 5.56
C LEU C 124 30.19 -26.13 4.53
N CYS C 125 28.86 -26.08 4.61
CA CYS C 125 28.07 -25.29 3.67
C CYS C 125 27.12 -24.31 4.34
N PHE C 126 27.60 -23.08 4.54
CA PHE C 126 26.79 -22.06 5.16
C PHE C 126 25.84 -21.46 4.13
N ALA C 127 26.31 -21.37 2.90
CA ALA C 127 25.52 -20.84 1.80
C ALA C 127 26.05 -21.45 0.51
N PRO C 128 25.21 -21.48 -0.52
CA PRO C 128 25.58 -22.03 -1.82
C PRO C 128 26.67 -21.21 -2.49
N ASP C 129 26.93 -20.02 -1.94
CA ASP C 129 27.95 -19.10 -2.47
C ASP C 129 29.09 -18.86 -1.47
N LEU C 130 29.12 -19.67 -0.42
CA LEU C 130 30.15 -19.57 0.59
C LEU C 130 30.28 -20.95 1.24
N ILE C 131 31.33 -21.67 0.85
CA ILE C 131 31.59 -23.01 1.37
C ILE C 131 32.96 -23.01 2.05
N ILE C 132 33.15 -23.88 3.04
CA ILE C 132 34.44 -23.95 3.72
C ILE C 132 35.15 -25.24 3.37
N ASN C 133 36.16 -25.09 2.51
CA ASN C 133 36.95 -26.20 2.02
C ASN C 133 38.25 -26.46 2.78
N GLU C 134 39.00 -27.44 2.29
CA GLU C 134 40.26 -27.82 2.90
C GLU C 134 41.05 -26.61 3.38
N GLN C 135 41.74 -25.94 2.47
CA GLN C 135 42.55 -24.79 2.87
C GLN C 135 41.77 -23.56 3.37
N ARG C 136 40.45 -23.67 3.47
CA ARG C 136 39.66 -22.56 3.97
C ARG C 136 39.36 -22.87 5.41
N MET C 137 39.73 -24.06 5.82
CA MET C 137 39.55 -24.54 7.17
C MET C 137 40.91 -24.32 7.81
N THR C 138 41.94 -24.37 6.97
CA THR C 138 43.32 -24.19 7.41
C THR C 138 43.64 -22.76 7.85
N LEU C 139 42.68 -21.85 7.66
CA LEU C 139 42.90 -20.48 8.08
C LEU C 139 43.10 -20.48 9.60
N PRO C 140 43.35 -19.31 10.20
CA PRO C 140 43.55 -19.24 11.66
C PRO C 140 42.29 -19.46 12.47
N ASP C 141 42.38 -20.44 13.37
CA ASP C 141 41.29 -20.81 14.25
C ASP C 141 40.00 -21.15 13.51
N MET C 142 40.11 -21.82 12.36
CA MET C 142 38.94 -22.19 11.57
C MET C 142 38.43 -23.55 12.03
N TYR C 143 39.25 -24.58 11.90
CA TYR C 143 38.85 -25.93 12.32
C TYR C 143 38.67 -25.90 13.83
N ASP C 144 39.42 -25.03 14.48
CA ASP C 144 39.39 -24.85 15.92
C ASP C 144 37.94 -24.67 16.38
N GLN C 145 37.06 -24.39 15.43
CA GLN C 145 35.65 -24.19 15.74
C GLN C 145 34.70 -24.82 14.72
N CYS C 146 35.23 -25.27 13.61
CA CYS C 146 34.39 -25.90 12.61
C CYS C 146 34.41 -27.39 12.95
N LYS C 147 35.34 -27.76 13.82
CA LYS C 147 35.47 -29.14 14.24
C LYS C 147 34.11 -29.64 14.73
N HIS C 148 33.52 -28.85 15.61
CA HIS C 148 32.24 -29.18 16.19
C HIS C 148 31.13 -29.36 15.17
N MET C 149 31.07 -28.46 14.20
CA MET C 149 30.02 -28.54 13.19
C MET C 149 30.11 -29.73 12.24
N LEU C 150 31.33 -30.11 11.87
CA LEU C 150 31.54 -31.25 11.00
C LEU C 150 31.04 -32.46 11.74
N TYR C 151 30.98 -32.33 13.06
CA TYR C 151 30.50 -33.40 13.90
C TYR C 151 29.11 -33.73 13.42
N VAL C 152 28.28 -32.71 13.33
CA VAL C 152 26.91 -32.89 12.87
C VAL C 152 26.81 -33.64 11.55
N SER C 153 27.20 -32.98 10.46
CA SER C 153 27.15 -33.58 9.14
C SER C 153 27.73 -34.98 9.10
N SER C 154 28.78 -35.22 9.90
CA SER C 154 29.44 -36.53 9.95
C SER C 154 28.51 -37.55 10.58
N GLU C 155 27.74 -37.12 11.58
CA GLU C 155 26.78 -37.99 12.23
C GLU C 155 25.68 -38.12 11.19
N LEU C 156 24.99 -37.02 10.94
CA LEU C 156 23.92 -36.94 9.95
C LEU C 156 24.26 -37.90 8.85
N HIS C 157 25.49 -37.78 8.38
CA HIS C 157 25.94 -38.65 7.34
C HIS C 157 25.77 -40.06 7.83
N ARG C 158 26.69 -40.47 8.70
CA ARG C 158 26.70 -41.82 9.29
C ARG C 158 25.35 -42.50 9.50
N LEU C 159 24.42 -41.77 10.13
CA LEU C 159 23.09 -42.31 10.42
C LEU C 159 22.12 -42.29 9.23
N GLN C 160 22.63 -42.05 8.03
CA GLN C 160 21.80 -42.04 6.84
C GLN C 160 20.41 -41.53 7.13
N VAL C 161 20.34 -40.37 7.78
CA VAL C 161 19.05 -39.78 8.13
C VAL C 161 18.34 -39.31 6.87
N SER C 162 17.01 -39.40 6.85
CA SER C 162 16.22 -38.96 5.69
C SER C 162 15.70 -37.53 5.90
N TYR C 163 15.29 -36.86 4.81
CA TYR C 163 14.80 -35.48 4.89
C TYR C 163 13.65 -35.31 5.88
N GLU C 164 12.83 -36.35 6.02
CA GLU C 164 11.71 -36.27 6.94
C GLU C 164 12.22 -36.36 8.35
N GLU C 165 13.03 -37.39 8.61
CA GLU C 165 13.59 -37.54 9.94
C GLU C 165 14.29 -36.23 10.36
N TYR C 166 15.05 -35.63 9.45
CA TYR C 166 15.72 -34.36 9.72
C TYR C 166 14.69 -33.31 10.16
N LEU C 167 13.73 -33.04 9.29
CA LEU C 167 12.67 -32.05 9.52
C LEU C 167 12.08 -32.12 10.92
N CYS C 168 11.69 -33.33 11.31
CA CYS C 168 11.09 -33.61 12.60
C CYS C 168 12.00 -33.31 13.76
N MET C 169 13.19 -33.89 13.73
CA MET C 169 14.17 -33.65 14.78
C MET C 169 14.39 -32.15 14.84
N LYS C 170 14.50 -31.56 13.67
CA LYS C 170 14.74 -30.13 13.52
C LYS C 170 13.72 -29.33 14.31
N THR C 171 12.51 -29.84 14.42
CA THR C 171 11.49 -29.12 15.16
C THR C 171 11.72 -29.36 16.65
N LEU C 172 11.98 -30.62 16.98
CA LEU C 172 12.21 -31.03 18.36
C LEU C 172 13.39 -30.26 18.90
N LEU C 173 14.16 -29.67 17.99
CA LEU C 173 15.32 -28.91 18.41
C LEU C 173 14.89 -27.57 18.97
N LEU C 174 13.71 -27.13 18.59
CA LEU C 174 13.16 -25.87 19.07
C LEU C 174 12.90 -26.05 20.57
N LEU C 175 12.38 -27.24 20.87
CA LEU C 175 12.03 -27.66 22.21
C LEU C 175 13.18 -28.51 22.71
N SER C 176 14.38 -27.96 22.65
CA SER C 176 15.58 -28.67 23.10
C SER C 176 15.70 -28.40 24.57
N SER C 177 15.48 -27.16 24.96
CA SER C 177 15.61 -26.83 26.35
C SER C 177 14.48 -25.96 26.83
N VAL C 178 14.34 -25.90 28.15
CA VAL C 178 13.31 -25.09 28.84
C VAL C 178 14.01 -24.35 29.98
N PRO C 179 13.33 -23.34 30.57
CA PRO C 179 13.88 -22.55 31.67
C PRO C 179 14.50 -23.43 32.74
N LYS C 180 13.68 -23.88 33.66
CA LYS C 180 14.18 -24.71 34.73
C LYS C 180 12.93 -24.76 35.54
N ASP C 181 12.08 -23.78 35.24
CA ASP C 181 10.82 -23.62 35.93
C ASP C 181 9.68 -23.46 34.94
N GLY C 182 9.61 -24.42 34.02
CA GLY C 182 8.57 -24.44 33.01
C GLY C 182 8.27 -23.16 32.26
N LEU C 183 7.35 -23.29 31.32
CA LEU C 183 6.94 -22.17 30.49
C LEU C 183 5.47 -21.88 30.77
N LYS C 184 5.04 -20.65 30.49
CA LYS C 184 3.64 -20.25 30.70
C LYS C 184 2.63 -21.26 30.12
N SER C 185 2.99 -21.91 29.01
CA SER C 185 2.11 -22.90 28.41
C SER C 185 2.84 -24.24 28.35
N GLN C 186 3.43 -24.62 29.49
CA GLN C 186 4.18 -25.87 29.62
C GLN C 186 3.40 -27.09 29.17
N GLU C 187 2.12 -27.11 29.49
CA GLU C 187 1.26 -28.21 29.09
C GLU C 187 1.41 -28.44 27.59
N LEU C 188 0.80 -27.53 26.82
CA LEU C 188 0.82 -27.53 25.35
C LEU C 188 2.20 -27.98 24.86
N PHE C 189 3.23 -27.36 25.41
CA PHE C 189 4.61 -27.66 25.04
C PHE C 189 4.85 -29.15 24.93
N ASP C 190 4.57 -29.87 26.00
CA ASP C 190 4.78 -31.30 25.99
C ASP C 190 3.78 -31.95 25.06
N GLU C 191 2.68 -31.23 24.83
CA GLU C 191 1.64 -31.72 23.95
C GLU C 191 2.17 -31.68 22.51
N ILE C 192 2.72 -30.55 22.11
CA ILE C 192 3.25 -30.41 20.77
C ILE C 192 4.56 -31.19 20.62
N ARG C 193 5.39 -31.17 21.66
CA ARG C 193 6.67 -31.85 21.63
C ARG C 193 6.50 -33.34 21.38
N MET C 194 5.52 -33.93 22.05
CA MET C 194 5.25 -35.34 21.90
C MET C 194 4.83 -35.71 20.48
N THR C 195 3.89 -34.96 19.91
CA THR C 195 3.43 -35.23 18.56
C THR C 195 4.59 -35.23 17.57
N TYR C 196 5.64 -34.49 17.88
CA TYR C 196 6.79 -34.42 16.98
C TYR C 196 7.72 -35.57 17.25
N ILE C 197 7.58 -36.12 18.44
CA ILE C 197 8.37 -37.26 18.85
C ILE C 197 7.56 -38.40 18.30
N LYS C 198 6.27 -38.15 18.23
CA LYS C 198 5.33 -39.11 17.71
C LYS C 198 5.47 -39.10 16.21
N GLU C 199 5.28 -37.91 15.63
CA GLU C 199 5.36 -37.72 14.19
C GLU C 199 6.75 -38.11 13.70
N LEU C 200 7.69 -38.21 14.65
CA LEU C 200 9.08 -38.59 14.35
C LEU C 200 9.22 -40.11 14.22
N GLY C 201 8.44 -40.86 15.00
CA GLY C 201 8.50 -42.30 14.91
C GLY C 201 7.90 -42.73 13.58
N LYS C 202 6.87 -42.01 13.15
CA LYS C 202 6.17 -42.29 11.90
C LYS C 202 7.11 -42.34 10.69
N ALA C 203 8.12 -41.47 10.70
CA ALA C 203 9.11 -41.37 9.64
C ALA C 203 10.10 -42.52 9.63
N ILE C 204 10.52 -42.94 10.82
CA ILE C 204 11.49 -44.03 10.96
C ILE C 204 10.86 -45.37 10.59
N VAL C 205 9.54 -45.39 10.61
CA VAL C 205 8.74 -46.55 10.28
C VAL C 205 8.83 -46.76 8.79
N LYS C 206 8.83 -45.66 8.04
CA LYS C 206 8.94 -45.75 6.59
C LYS C 206 10.37 -46.12 6.27
N ARG C 207 10.71 -47.39 6.45
CA ARG C 207 12.06 -47.89 6.19
C ARG C 207 12.33 -49.15 7.00
N SER C 211 11.77 -51.85 7.76
CA SER C 211 11.44 -51.72 9.21
C SER C 211 12.04 -52.89 10.03
N SER C 212 11.38 -53.26 11.13
CA SER C 212 11.83 -54.35 12.02
C SER C 212 11.86 -53.89 13.49
N GLN C 213 13.08 -53.82 14.04
CA GLN C 213 13.32 -53.36 15.41
C GLN C 213 13.52 -51.86 15.33
N ASN C 214 12.70 -51.21 14.51
CA ASN C 214 12.75 -49.76 14.26
C ASN C 214 13.06 -48.95 15.52
N TRP C 215 12.95 -49.60 16.67
CA TRP C 215 13.26 -48.95 17.94
C TRP C 215 14.77 -48.76 18.08
N GLN C 216 15.54 -49.54 17.32
CA GLN C 216 16.99 -49.42 17.35
C GLN C 216 17.35 -48.11 16.68
N ARG C 217 16.80 -47.89 15.49
CA ARG C 217 17.04 -46.65 14.75
C ARG C 217 16.60 -45.46 15.60
N PHE C 218 15.45 -45.60 16.24
CA PHE C 218 14.89 -44.58 17.09
C PHE C 218 15.91 -44.15 18.16
N TYR C 219 16.54 -45.11 18.81
CA TYR C 219 17.52 -44.80 19.86
C TYR C 219 18.64 -43.88 19.39
N GLN C 220 19.28 -44.28 18.31
CA GLN C 220 20.40 -43.53 17.73
C GLN C 220 20.00 -42.11 17.37
N LEU C 221 18.86 -41.97 16.67
CA LEU C 221 18.40 -40.63 16.30
C LEU C 221 18.28 -39.81 17.57
N THR C 222 17.69 -40.43 18.59
CA THR C 222 17.47 -39.80 19.87
C THR C 222 18.77 -39.35 20.55
N LYS C 223 19.62 -40.32 20.87
CA LYS C 223 20.89 -40.03 21.55
C LYS C 223 21.65 -38.89 20.87
N LEU C 224 21.25 -38.55 19.65
CA LEU C 224 21.92 -37.47 18.93
C LEU C 224 21.26 -36.14 19.20
N LEU C 225 19.94 -36.14 19.26
CA LEU C 225 19.22 -34.91 19.53
C LEU C 225 19.74 -34.31 20.84
N ASP C 226 20.20 -35.20 21.71
CA ASP C 226 20.76 -34.84 23.01
C ASP C 226 22.17 -34.26 22.85
N SER C 227 22.95 -34.92 21.99
CA SER C 227 24.32 -34.50 21.69
C SER C 227 24.36 -33.01 21.42
N MET C 228 23.37 -32.57 20.66
CA MET C 228 23.25 -31.17 20.29
C MET C 228 23.45 -30.22 21.44
N HIS C 229 23.12 -30.63 22.65
CA HIS C 229 23.28 -29.71 23.77
C HIS C 229 24.75 -29.47 24.08
N GLU C 230 25.53 -30.55 24.13
CA GLU C 230 26.96 -30.40 24.40
C GLU C 230 27.40 -29.48 23.32
N VAL C 231 27.26 -29.96 22.09
CA VAL C 231 27.63 -29.24 20.87
C VAL C 231 27.31 -27.75 20.88
N VAL C 232 26.04 -27.41 21.06
CA VAL C 232 25.62 -26.01 21.07
C VAL C 232 26.42 -25.26 22.13
N GLU C 233 26.63 -25.91 23.29
CA GLU C 233 27.39 -25.29 24.38
C GLU C 233 28.77 -24.81 23.92
N ASN C 234 29.42 -25.59 23.07
CA ASN C 234 30.72 -25.21 22.58
C ASN C 234 30.63 -24.04 21.61
N LEU C 235 29.64 -24.08 20.74
CA LEU C 235 29.44 -23.01 19.76
C LEU C 235 29.12 -21.68 20.42
N LEU C 236 28.64 -21.76 21.65
CA LEU C 236 28.27 -20.58 22.44
C LEU C 236 29.43 -20.00 23.24
N ASN C 237 30.16 -20.87 23.92
CA ASN C 237 31.31 -20.41 24.68
C ASN C 237 32.24 -19.71 23.65
N TYR C 238 32.24 -20.23 22.43
CA TYR C 238 33.05 -19.73 21.32
C TYR C 238 32.40 -18.55 20.62
N CYS C 239 31.07 -18.55 20.54
CA CYS C 239 30.34 -17.47 19.90
C CYS C 239 30.39 -16.24 20.80
N PHE C 240 30.17 -16.46 22.09
CA PHE C 240 30.17 -15.34 23.04
C PHE C 240 31.54 -14.69 23.17
N GLN C 241 32.61 -15.47 23.04
CA GLN C 241 33.97 -14.92 23.12
C GLN C 241 34.09 -13.78 22.10
N THR C 242 34.24 -14.17 20.83
CA THR C 242 34.36 -13.26 19.69
C THR C 242 33.43 -12.06 19.77
N PHE C 243 32.27 -12.30 20.40
CA PHE C 243 31.28 -11.27 20.58
C PHE C 243 31.75 -10.27 21.63
N LEU C 244 32.50 -10.77 22.60
CA LEU C 244 33.03 -9.97 23.71
C LEU C 244 34.21 -9.08 23.34
N ASP C 245 35.18 -9.63 22.61
CA ASP C 245 36.39 -8.90 22.22
C ASP C 245 36.35 -8.20 20.84
N LYS C 246 36.67 -6.91 20.85
CA LYS C 246 36.68 -6.13 19.63
C LYS C 246 38.02 -6.37 18.94
N THR C 247 39.00 -6.78 19.73
CA THR C 247 40.36 -7.07 19.23
C THR C 247 40.31 -8.23 18.22
N MET C 248 39.12 -8.84 18.11
CA MET C 248 38.86 -9.96 17.21
C MET C 248 38.46 -9.41 15.85
N SER C 249 38.08 -8.13 15.84
CA SER C 249 37.68 -7.44 14.61
C SER C 249 36.42 -8.10 14.06
N ILE C 250 35.75 -8.91 14.89
CA ILE C 250 34.55 -9.61 14.45
C ILE C 250 33.24 -8.94 14.89
N GLU C 251 32.38 -8.72 13.90
CA GLU C 251 31.08 -8.03 14.03
C GLU C 251 29.83 -8.88 13.78
N PHE C 252 28.86 -8.75 14.68
CA PHE C 252 27.61 -9.47 14.57
C PHE C 252 26.56 -8.48 14.12
N PRO C 253 25.31 -8.93 13.92
CA PRO C 253 24.19 -8.08 13.50
C PRO C 253 23.30 -7.76 14.73
N GLU C 254 22.41 -6.78 14.59
CA GLU C 254 21.54 -6.41 15.72
C GLU C 254 20.70 -7.62 16.10
N MET C 255 20.19 -8.30 15.07
CA MET C 255 19.38 -9.47 15.27
C MET C 255 19.99 -10.35 16.35
N LEU C 256 21.24 -10.75 16.16
CA LEU C 256 21.92 -11.61 17.12
C LEU C 256 22.35 -10.79 18.33
N ALA C 257 22.59 -9.51 18.10
CA ALA C 257 23.01 -8.62 19.17
C ALA C 257 22.04 -8.80 20.36
N GLU C 258 20.76 -8.56 20.12
CA GLU C 258 19.71 -8.70 21.13
C GLU C 258 19.83 -10.08 21.79
N ILE C 259 19.77 -11.10 20.93
CA ILE C 259 19.81 -12.51 21.33
C ILE C 259 21.02 -12.94 22.16
N ILE C 260 22.22 -12.58 21.70
CA ILE C 260 23.44 -12.95 22.42
C ILE C 260 23.50 -12.17 23.72
N THR C 261 23.03 -10.93 23.65
CA THR C 261 22.96 -10.00 24.78
C THR C 261 22.06 -10.59 25.87
N ASN C 262 20.93 -11.12 25.45
CA ASN C 262 20.01 -11.73 26.38
C ASN C 262 20.47 -13.10 26.82
N GLN C 263 20.42 -14.06 25.90
CA GLN C 263 20.77 -15.44 26.19
C GLN C 263 22.01 -15.70 27.02
N ILE C 264 23.09 -16.11 26.35
CA ILE C 264 24.33 -16.48 27.05
C ILE C 264 24.50 -15.85 28.44
N PRO C 265 24.32 -14.53 28.55
CA PRO C 265 24.46 -13.83 29.85
C PRO C 265 23.63 -14.47 30.98
N LYS C 266 22.34 -14.64 30.71
CA LYS C 266 21.40 -15.22 31.65
C LYS C 266 21.64 -16.73 31.87
N TYR C 267 21.48 -17.51 30.81
CA TYR C 267 21.66 -18.96 30.89
C TYR C 267 22.92 -19.36 31.67
N SER C 268 23.86 -18.42 31.81
CA SER C 268 25.13 -18.65 32.51
C SER C 268 24.89 -18.94 34.01
N ASN C 269 23.66 -18.68 34.47
CA ASN C 269 23.27 -18.90 35.86
C ASN C 269 22.34 -20.11 35.99
N GLY C 270 22.61 -21.12 35.16
CA GLY C 270 21.83 -22.35 35.19
C GLY C 270 20.32 -22.28 35.18
N ASN C 271 19.76 -21.09 35.01
CA ASN C 271 18.30 -20.93 34.98
C ASN C 271 17.68 -21.68 33.81
N ILE C 272 18.54 -22.27 32.98
CA ILE C 272 18.14 -23.06 31.80
C ILE C 272 18.23 -24.58 32.03
N LYS C 273 17.21 -25.29 31.56
CA LYS C 273 17.16 -26.72 31.70
C LYS C 273 17.19 -27.40 30.34
N LYS C 274 18.35 -27.93 29.96
CA LYS C 274 18.49 -28.59 28.67
C LYS C 274 17.77 -29.94 28.66
N LEU C 275 16.54 -29.96 28.15
CA LEU C 275 15.71 -31.17 28.08
C LEU C 275 16.48 -32.36 27.53
N LEU C 276 16.16 -33.55 28.06
CA LEU C 276 16.83 -34.80 27.68
C LEU C 276 15.98 -35.98 27.19
N PHE C 277 16.69 -36.98 26.68
CA PHE C 277 16.10 -38.21 26.18
C PHE C 277 16.69 -39.35 26.96
N HIS C 278 18.01 -39.29 27.10
CA HIS C 278 18.78 -40.29 27.82
C HIS C 278 19.67 -39.57 28.85
N GLN C 279 19.50 -39.91 30.13
CA GLN C 279 20.26 -39.26 31.21
C GLN C 279 21.38 -40.10 31.85
N ALA D 4 13.55 -8.46 21.86
CA ALA D 4 12.78 -7.22 21.51
C ALA D 4 12.27 -7.32 20.09
N LEU D 5 13.08 -6.91 19.12
CA LEU D 5 12.67 -7.01 17.73
C LEU D 5 12.09 -8.40 17.52
N LEU D 6 12.56 -9.37 18.31
CA LEU D 6 12.06 -10.73 18.20
C LEU D 6 10.58 -10.65 18.50
N ARG D 7 10.27 -10.00 19.61
CA ARG D 7 8.89 -9.81 20.02
C ARG D 7 8.11 -9.24 18.86
N TYR D 8 8.66 -8.17 18.27
CA TYR D 8 8.01 -7.53 17.13
C TYR D 8 7.74 -8.55 16.05
N LEU D 9 8.72 -9.41 15.81
CA LEU D 9 8.62 -10.44 14.78
C LEU D 9 7.61 -11.51 15.20
N LEU D 10 7.65 -11.89 16.47
CA LEU D 10 6.73 -12.91 16.95
C LEU D 10 5.30 -12.39 16.82
N ASP D 11 5.05 -11.20 17.38
CA ASP D 11 3.73 -10.59 17.31
C ASP D 11 3.70 -9.43 16.30
N LYS D 12 3.46 -9.80 15.03
CA LYS D 12 3.39 -8.87 13.91
C LYS D 12 3.39 -9.67 12.63
N GLN E 30 -29.93 17.45 4.09
CA GLN E 30 -28.81 18.18 4.75
C GLN E 30 -28.48 19.50 4.04
N LEU E 31 -27.17 19.73 3.85
CA LEU E 31 -26.60 20.90 3.17
C LEU E 31 -25.92 21.93 4.08
N THR E 32 -26.51 22.09 5.27
CA THR E 32 -26.02 22.99 6.31
C THR E 32 -24.92 22.21 7.09
N PRO E 33 -23.65 22.21 6.55
CA PRO E 33 -22.42 21.55 7.02
C PRO E 33 -22.03 21.58 8.51
N THR E 34 -21.82 20.38 9.07
CA THR E 34 -21.40 20.25 10.46
C THR E 34 -19.99 20.81 10.43
N LEU E 35 -19.31 20.76 11.55
CA LEU E 35 -17.95 21.25 11.56
C LEU E 35 -17.07 20.03 11.28
N VAL E 36 -17.65 18.84 11.43
CA VAL E 36 -16.96 17.55 11.22
C VAL E 36 -16.84 17.21 9.73
N SER E 37 -17.95 17.37 9.02
CA SER E 37 -18.00 17.11 7.58
C SER E 37 -16.98 18.04 6.90
N LEU E 38 -16.67 19.12 7.60
CA LEU E 38 -15.71 20.09 7.13
C LEU E 38 -14.36 19.39 7.22
N LEU E 39 -13.92 19.20 8.46
CA LEU E 39 -12.66 18.53 8.75
C LEU E 39 -12.45 17.36 7.81
N GLU E 40 -13.52 16.65 7.52
CA GLU E 40 -13.46 15.51 6.63
C GLU E 40 -13.08 15.88 5.20
N VAL E 41 -13.73 16.92 4.69
CA VAL E 41 -13.49 17.39 3.32
C VAL E 41 -12.25 18.27 3.24
N ILE E 42 -11.75 18.70 4.39
CA ILE E 42 -10.53 19.50 4.42
C ILE E 42 -9.38 18.52 4.55
N GLU E 43 -9.70 17.28 4.89
CA GLU E 43 -8.68 16.27 5.04
C GLU E 43 -7.86 16.12 3.77
N PRO E 44 -6.56 16.40 3.86
CA PRO E 44 -5.71 16.28 2.68
C PRO E 44 -5.57 14.81 2.26
N GLU E 45 -5.46 14.58 0.94
CA GLU E 45 -5.30 13.23 0.39
C GLU E 45 -3.87 12.76 0.65
N VAL E 46 -3.64 11.44 0.68
CA VAL E 46 -2.29 10.91 0.95
C VAL E 46 -1.34 11.00 -0.23
N LEU E 47 -0.07 11.20 0.10
CA LEU E 47 0.98 11.31 -0.89
C LEU E 47 1.74 10.02 -1.02
N TYR E 48 2.44 9.89 -2.13
CA TYR E 48 3.24 8.72 -2.37
C TYR E 48 4.68 9.08 -2.09
N ALA E 49 5.49 8.09 -1.72
CA ALA E 49 6.88 8.31 -1.36
C ALA E 49 7.83 8.74 -2.47
N GLY E 50 7.67 8.17 -3.66
CA GLY E 50 8.55 8.48 -4.77
C GLY E 50 9.93 7.82 -4.67
N TYR E 51 9.98 6.66 -4.00
CA TYR E 51 11.21 5.90 -3.78
C TYR E 51 11.70 5.30 -5.08
N ASP E 52 12.92 4.75 -5.07
CA ASP E 52 13.44 4.14 -6.30
C ASP E 52 13.53 2.63 -6.21
N SER E 53 12.71 2.05 -5.34
CA SER E 53 12.63 0.59 -5.11
C SER E 53 13.77 -0.24 -5.69
N SER E 54 13.89 -0.22 -7.03
CA SER E 54 14.93 -0.95 -7.75
C SER E 54 16.22 -1.18 -6.96
N VAL E 55 16.97 -0.12 -6.67
CA VAL E 55 18.20 -0.25 -5.90
C VAL E 55 17.91 -0.89 -4.55
N PRO E 56 18.66 -1.96 -4.19
CA PRO E 56 18.45 -2.63 -2.92
C PRO E 56 18.10 -1.65 -1.80
N ASP E 57 17.32 -2.11 -0.83
CA ASP E 57 16.91 -1.25 0.26
C ASP E 57 17.99 -0.96 1.29
N SER E 58 18.13 0.32 1.61
CA SER E 58 19.11 0.84 2.57
C SER E 58 18.37 1.47 3.74
N THR E 59 18.97 1.50 4.92
CA THR E 59 18.27 2.12 6.06
C THR E 59 18.22 3.65 5.92
N TRP E 60 19.18 4.24 5.21
CA TRP E 60 19.18 5.70 5.03
C TRP E 60 18.57 6.16 3.69
N ARG E 61 18.62 5.29 2.69
CA ARG E 61 18.07 5.59 1.37
C ARG E 61 16.57 5.75 1.61
N ILE E 62 16.06 4.90 2.51
CA ILE E 62 14.66 4.88 2.90
C ILE E 62 14.31 6.12 3.72
N MET E 63 14.89 6.23 4.91
CA MET E 63 14.68 7.33 5.85
C MET E 63 14.69 8.72 5.22
N THR E 64 15.59 8.91 4.28
CA THR E 64 15.70 10.18 3.58
C THR E 64 14.41 10.40 2.80
N THR E 65 14.03 9.40 1.99
CA THR E 65 12.82 9.46 1.19
C THR E 65 11.63 9.92 2.02
N LEU E 66 11.56 9.42 3.25
CA LEU E 66 10.48 9.75 4.18
C LEU E 66 10.53 11.18 4.63
N ASN E 67 11.73 11.75 4.69
CA ASN E 67 11.89 13.14 5.09
C ASN E 67 11.40 14.02 3.97
N MET E 68 11.51 13.51 2.75
CA MET E 68 11.04 14.21 1.58
C MET E 68 9.54 14.06 1.58
N LEU E 69 9.08 12.84 1.79
CA LEU E 69 7.65 12.55 1.87
C LEU E 69 7.08 13.38 3.01
N GLY E 70 7.67 13.20 4.19
CA GLY E 70 7.26 13.91 5.38
C GLY E 70 7.42 15.40 5.25
N GLY E 71 8.36 15.84 4.41
CA GLY E 71 8.57 17.27 4.21
C GLY E 71 7.41 17.83 3.42
N ARG E 72 6.88 17.00 2.51
CA ARG E 72 5.75 17.36 1.66
C ARG E 72 4.43 17.22 2.42
N GLN E 73 4.37 16.29 3.33
CA GLN E 73 3.15 16.11 4.09
C GLN E 73 2.91 17.33 4.96
N VAL E 74 4.00 17.90 5.48
CA VAL E 74 3.94 19.07 6.38
C VAL E 74 3.20 20.24 5.77
N ILE E 75 3.69 20.64 4.61
CA ILE E 75 3.13 21.72 3.84
C ILE E 75 1.65 21.47 3.72
N ALA E 76 1.29 20.31 3.22
CA ALA E 76 -0.11 19.95 3.07
C ALA E 76 -0.88 20.18 4.37
N ALA E 77 -0.22 20.00 5.51
CA ALA E 77 -0.85 20.19 6.82
C ALA E 77 -1.00 21.67 7.11
N VAL E 78 -0.28 22.49 6.35
CA VAL E 78 -0.33 23.94 6.49
C VAL E 78 -1.56 24.43 5.74
N LYS E 79 -1.61 24.13 4.45
CA LYS E 79 -2.73 24.51 3.62
C LYS E 79 -3.96 24.08 4.40
N TRP E 80 -3.84 22.90 4.99
CA TRP E 80 -4.88 22.27 5.80
C TRP E 80 -5.12 23.11 7.05
N ALA E 81 -4.06 23.39 7.79
CA ALA E 81 -4.17 24.17 9.01
C ALA E 81 -5.05 25.40 8.81
N LYS E 82 -4.71 26.23 7.83
CA LYS E 82 -5.43 27.47 7.54
C LYS E 82 -6.91 27.26 7.25
N ALA E 83 -7.21 26.20 6.52
CA ALA E 83 -8.59 25.86 6.16
C ALA E 83 -9.36 25.45 7.40
N ILE E 84 -8.70 25.54 8.54
CA ILE E 84 -9.36 25.17 9.77
C ILE E 84 -10.06 26.39 10.35
N PRO E 85 -11.37 26.26 10.62
CA PRO E 85 -12.16 27.37 11.19
C PRO E 85 -11.52 27.92 12.48
N GLY E 86 -11.43 29.24 12.56
CA GLY E 86 -10.85 29.86 13.74
C GLY E 86 -9.34 29.87 13.66
N PHE E 87 -8.79 29.17 12.67
CA PHE E 87 -7.35 29.10 12.54
C PHE E 87 -6.76 30.32 11.87
N ARG E 88 -7.11 30.53 10.62
CA ARG E 88 -6.59 31.67 9.89
C ARG E 88 -6.74 32.92 10.74
N ASN E 89 -7.74 32.94 11.60
CA ASN E 89 -7.97 34.11 12.46
C ASN E 89 -6.82 34.44 13.40
N LEU E 90 -6.45 33.50 14.25
CA LEU E 90 -5.35 33.67 15.21
C LEU E 90 -4.25 34.59 14.70
N HIS E 91 -3.46 35.10 15.62
CA HIS E 91 -2.35 35.95 15.24
C HIS E 91 -1.35 35.07 14.50
N LEU E 92 -0.79 35.57 13.41
CA LEU E 92 0.15 34.84 12.62
C LEU E 92 1.29 34.15 13.41
N ASP E 93 1.66 34.71 14.55
CA ASP E 93 2.74 34.14 15.36
C ASP E 93 2.27 33.07 16.31
N ASP E 94 1.09 32.50 16.06
CA ASP E 94 0.55 31.43 16.90
C ASP E 94 0.29 30.29 15.95
N GLN E 95 -0.41 30.62 14.86
CA GLN E 95 -0.70 29.63 13.83
C GLN E 95 0.69 29.12 13.50
N MET E 96 1.61 30.07 13.29
CA MET E 96 2.99 29.78 12.96
C MET E 96 3.78 29.00 14.00
N THR E 97 3.46 29.16 15.28
CA THR E 97 4.19 28.41 16.31
C THR E 97 3.52 27.10 16.72
N LEU E 98 2.19 27.10 16.78
CA LEU E 98 1.48 25.88 17.13
C LEU E 98 1.99 24.76 16.23
N LEU E 99 2.18 25.09 14.96
CA LEU E 99 2.67 24.13 13.99
C LEU E 99 4.12 23.75 14.29
N GLN E 100 4.94 24.74 14.64
CA GLN E 100 6.35 24.50 14.92
C GLN E 100 6.62 23.36 15.88
N TYR E 101 5.78 23.16 16.89
CA TYR E 101 6.02 22.06 17.81
C TYR E 101 5.27 20.82 17.36
N SER E 102 3.95 20.97 17.30
CA SER E 102 3.01 19.91 16.93
C SER E 102 3.26 19.06 15.68
N TRP E 103 3.65 19.68 14.58
CA TRP E 103 3.86 18.95 13.33
C TRP E 103 4.27 17.48 13.45
N MET E 104 5.21 17.16 14.32
CA MET E 104 5.64 15.77 14.46
C MET E 104 4.52 14.93 15.03
N SER E 105 3.64 15.57 15.80
CA SER E 105 2.52 14.92 16.45
C SER E 105 1.41 14.57 15.45
N LEU E 106 1.01 15.55 14.65
CA LEU E 106 -0.02 15.33 13.66
C LEU E 106 0.48 14.30 12.67
N MET E 107 1.68 14.54 12.14
CA MET E 107 2.26 13.61 11.19
C MET E 107 2.11 12.19 11.72
N ALA E 108 2.68 11.98 12.89
CA ALA E 108 2.64 10.68 13.55
C ALA E 108 1.24 10.15 13.58
N PHE E 109 0.27 11.07 13.69
CA PHE E 109 -1.14 10.69 13.76
C PHE E 109 -1.65 10.19 12.42
N ALA E 110 -1.40 10.95 11.37
CA ALA E 110 -1.84 10.53 10.05
C ALA E 110 -1.25 9.14 9.86
N LEU E 111 0.02 9.00 10.22
CA LEU E 111 0.75 7.75 10.09
C LEU E 111 0.09 6.56 10.77
N GLY E 112 -0.28 6.73 12.03
CA GLY E 112 -0.89 5.64 12.77
C GLY E 112 -2.21 5.21 12.18
N TRP E 113 -2.93 6.20 11.66
CA TRP E 113 -4.22 5.94 11.07
C TRP E 113 -4.01 5.09 9.82
N ARG E 114 -3.21 5.60 8.91
CA ARG E 114 -2.92 4.88 7.68
C ARG E 114 -2.44 3.48 7.99
N SER E 115 -1.51 3.36 8.95
CA SER E 115 -0.98 2.06 9.37
C SER E 115 -2.11 1.22 9.96
N TYR E 116 -3.03 1.93 10.60
CA TYR E 116 -4.18 1.30 11.24
C TYR E 116 -5.19 0.82 10.20
N ARG E 117 -5.32 1.60 9.12
CA ARG E 117 -6.27 1.35 8.02
C ARG E 117 -6.33 0.04 7.25
N GLN E 118 -5.35 -0.83 7.42
CA GLN E 118 -5.38 -2.12 6.74
C GLN E 118 -4.14 -2.88 7.19
N SER E 119 -3.07 -2.11 7.38
CA SER E 119 -1.81 -2.65 7.83
C SER E 119 -2.12 -3.37 9.15
N SER E 120 -2.27 -4.68 9.03
CA SER E 120 -2.60 -5.53 10.15
C SER E 120 -1.35 -6.01 10.88
N ALA E 121 -0.33 -6.39 10.12
CA ALA E 121 0.92 -6.84 10.72
C ALA E 121 1.59 -5.64 11.39
N ASN E 122 0.77 -4.69 11.81
CA ASN E 122 1.24 -3.49 12.47
C ASN E 122 1.82 -2.52 11.42
N LEU E 123 2.55 -3.09 10.46
CA LEU E 123 3.18 -2.38 9.34
C LEU E 123 2.98 -0.88 9.34
N LEU E 124 4.05 -0.11 9.15
CA LEU E 124 3.91 1.33 9.12
C LEU E 124 3.71 1.83 7.70
N CYS E 125 2.51 2.32 7.46
CA CYS E 125 2.14 2.84 6.16
C CYS E 125 2.45 4.32 6.12
N PHE E 126 3.54 4.65 5.46
CA PHE E 126 3.93 6.04 5.32
C PHE E 126 3.28 6.49 4.04
N ALA E 127 3.75 5.93 2.94
CA ALA E 127 3.19 6.25 1.65
C ALA E 127 2.49 4.98 1.24
N PRO E 128 1.42 5.10 0.46
CA PRO E 128 0.64 3.96 -0.02
C PRO E 128 1.55 2.99 -0.75
N ASP E 129 2.68 3.48 -1.26
CA ASP E 129 3.62 2.62 -1.95
C ASP E 129 4.84 2.30 -1.07
N LEU E 130 5.01 3.08 -0.01
CA LEU E 130 6.14 2.86 0.91
C LEU E 130 5.69 2.49 2.32
N ILE E 131 5.58 1.18 2.54
CA ILE E 131 5.17 0.63 3.81
C ILE E 131 6.32 -0.21 4.35
N ILE E 132 6.52 -0.18 5.66
CA ILE E 132 7.57 -1.00 6.24
C ILE E 132 6.94 -2.29 6.74
N ASN E 133 7.38 -3.37 6.12
CA ASN E 133 6.91 -4.71 6.38
C ASN E 133 7.64 -5.31 7.58
N GLU E 134 8.13 -6.53 7.38
CA GLU E 134 8.85 -7.27 8.39
C GLU E 134 10.34 -7.13 8.14
N GLN E 135 10.84 -7.88 7.17
CA GLN E 135 12.27 -7.86 6.88
C GLN E 135 12.81 -6.50 6.47
N ARG E 136 11.95 -5.51 6.34
CA ARG E 136 12.42 -4.17 5.99
C ARG E 136 12.58 -3.56 7.36
N MET E 137 11.70 -3.97 8.26
CA MET E 137 11.74 -3.51 9.63
C MET E 137 13.01 -4.08 10.23
N THR E 138 13.39 -5.26 9.74
CA THR E 138 14.60 -5.91 10.23
C THR E 138 15.85 -5.16 9.81
N LEU E 139 15.71 -4.04 9.11
CA LEU E 139 16.88 -3.26 8.71
C LEU E 139 17.57 -2.71 9.96
N PRO E 140 18.81 -2.23 9.79
CA PRO E 140 19.60 -1.66 10.88
C PRO E 140 19.07 -0.38 11.50
N ASP E 141 18.69 -0.47 12.78
CA ASP E 141 18.16 0.67 13.51
C ASP E 141 16.86 1.14 12.88
N MET E 142 16.09 0.18 12.38
CA MET E 142 14.81 0.48 11.75
C MET E 142 13.76 0.42 12.85
N TYR E 143 13.60 -0.76 13.43
CA TYR E 143 12.64 -0.97 14.51
C TYR E 143 12.98 -0.07 15.66
N ASP E 144 14.28 0.16 15.85
CA ASP E 144 14.79 1.02 16.93
C ASP E 144 14.06 2.37 16.97
N GLN E 145 13.26 2.65 15.93
CA GLN E 145 12.50 3.90 15.87
C GLN E 145 11.07 3.72 15.38
N CYS E 146 10.85 2.73 14.52
CA CYS E 146 9.50 2.48 14.04
C CYS E 146 8.69 2.04 15.23
N LYS E 147 9.40 1.55 16.22
CA LYS E 147 8.81 1.08 17.45
C LYS E 147 7.83 2.10 18.00
N HIS E 148 8.24 3.35 18.01
CA HIS E 148 7.43 4.44 18.57
C HIS E 148 6.20 4.79 17.76
N MET E 149 6.27 4.58 16.45
CA MET E 149 5.15 4.89 15.58
C MET E 149 4.10 3.80 15.65
N LEU E 150 4.54 2.54 15.50
CA LEU E 150 3.65 1.38 15.55
C LEU E 150 2.73 1.48 16.74
N TYR E 151 3.20 2.15 17.77
CA TYR E 151 2.43 2.34 19.00
C TYR E 151 1.06 2.85 18.61
N VAL E 152 1.06 4.00 17.95
CA VAL E 152 -0.17 4.63 17.51
C VAL E 152 -1.12 3.70 16.75
N SER E 153 -0.65 3.09 15.66
CA SER E 153 -1.50 2.19 14.89
C SER E 153 -2.19 1.16 15.81
N SER E 154 -1.39 0.30 16.43
CA SER E 154 -1.86 -0.73 17.35
C SER E 154 -2.76 -0.18 18.45
N GLU E 155 -2.48 1.05 18.87
CA GLU E 155 -3.24 1.72 19.92
C GLU E 155 -4.48 2.41 19.37
N LEU E 156 -4.43 2.79 18.10
CA LEU E 156 -5.54 3.44 17.43
C LEU E 156 -6.45 2.28 17.10
N HIS E 157 -5.82 1.17 16.76
CA HIS E 157 -6.54 -0.04 16.43
C HIS E 157 -7.36 -0.47 17.61
N ARG E 158 -6.66 -0.82 18.67
CA ARG E 158 -7.26 -1.28 19.92
C ARG E 158 -8.56 -0.59 20.27
N LEU E 159 -8.56 0.73 20.20
CA LEU E 159 -9.74 1.53 20.55
C LEU E 159 -10.78 1.71 19.42
N GLN E 160 -10.78 0.79 18.46
CA GLN E 160 -11.70 0.84 17.33
C GLN E 160 -12.13 2.26 16.99
N VAL E 161 -11.14 3.14 16.92
CA VAL E 161 -11.38 4.54 16.61
C VAL E 161 -12.21 4.68 15.33
N SER E 162 -12.76 5.88 15.11
CA SER E 162 -13.56 6.16 13.94
C SER E 162 -12.93 7.32 13.19
N TYR E 163 -13.21 7.43 11.90
CA TYR E 163 -12.65 8.50 11.09
C TYR E 163 -13.11 9.83 11.66
N GLU E 164 -14.38 9.90 12.06
CA GLU E 164 -14.91 11.14 12.64
C GLU E 164 -14.19 11.55 13.93
N GLU E 165 -13.86 10.57 14.77
CA GLU E 165 -13.18 10.84 16.04
C GLU E 165 -11.75 11.30 15.77
N TYR E 166 -11.08 10.58 14.87
CA TYR E 166 -9.70 10.87 14.46
C TYR E 166 -9.53 12.29 13.92
N LEU E 167 -10.49 12.74 13.10
CA LEU E 167 -10.45 14.06 12.48
C LEU E 167 -10.47 15.21 13.47
N CYS E 168 -11.11 14.99 14.60
CA CYS E 168 -11.23 16.00 15.65
C CYS E 168 -10.01 15.94 16.54
N MET E 169 -9.51 14.72 16.73
CA MET E 169 -8.34 14.49 17.53
C MET E 169 -7.14 15.06 16.84
N LYS E 170 -6.96 14.69 15.58
CA LYS E 170 -5.85 15.22 14.79
C LYS E 170 -5.90 16.75 14.86
N THR E 171 -7.12 17.30 14.91
CA THR E 171 -7.29 18.76 14.97
C THR E 171 -6.92 19.26 16.36
N LEU E 172 -7.06 18.38 17.34
CA LEU E 172 -6.73 18.69 18.73
C LEU E 172 -5.23 18.65 18.93
N LEU E 173 -4.58 17.66 18.32
CA LEU E 173 -3.13 17.50 18.42
C LEU E 173 -2.37 18.68 17.84
N LEU E 174 -3.10 19.60 17.23
CA LEU E 174 -2.53 20.81 16.64
C LEU E 174 -2.48 21.83 17.77
N LEU E 175 -3.28 21.59 18.81
CA LEU E 175 -3.37 22.49 19.95
C LEU E 175 -2.73 21.90 21.22
N SER E 176 -2.21 20.68 21.09
CA SER E 176 -1.57 19.96 22.17
C SER E 176 -0.50 20.72 22.96
N SER E 177 0.09 21.74 22.36
CA SER E 177 1.10 22.48 23.10
C SER E 177 0.98 23.96 22.89
N VAL E 178 1.46 24.67 23.90
CA VAL E 178 1.45 26.13 23.90
C VAL E 178 2.76 26.58 24.55
N PRO E 179 3.23 27.80 24.21
CA PRO E 179 4.48 28.39 24.72
C PRO E 179 4.80 28.06 26.18
N LYS E 180 3.93 28.51 27.09
CA LYS E 180 4.08 28.34 28.54
C LYS E 180 3.66 29.70 29.03
N ASP E 181 3.53 30.60 28.05
CA ASP E 181 3.16 31.99 28.32
C ASP E 181 2.07 32.51 27.39
N GLY E 182 1.11 31.64 27.07
CA GLY E 182 0.02 32.05 26.21
C GLY E 182 0.45 32.58 24.86
N LEU E 183 -0.53 32.76 23.97
CA LEU E 183 -0.27 33.25 22.62
C LEU E 183 -0.96 34.61 22.44
N LYS E 184 -0.54 35.39 21.44
CA LYS E 184 -1.15 36.70 21.21
C LYS E 184 -2.67 36.59 21.20
N SER E 185 -3.18 35.40 20.87
CA SER E 185 -4.62 35.15 20.86
C SER E 185 -4.94 33.92 21.70
N GLN E 186 -4.46 33.94 22.94
CA GLN E 186 -4.67 32.85 23.87
C GLN E 186 -6.15 32.60 24.14
N GLU E 187 -6.97 33.60 23.90
CA GLU E 187 -8.40 33.45 24.10
C GLU E 187 -8.89 32.53 22.99
N LEU E 188 -8.75 33.01 21.76
CA LEU E 188 -9.14 32.28 20.57
C LEU E 188 -8.67 30.83 20.64
N PHE E 189 -7.40 30.63 21.02
CA PHE E 189 -6.84 29.29 21.13
C PHE E 189 -7.80 28.36 21.84
N ASP E 190 -7.97 28.63 23.13
CA ASP E 190 -8.84 27.84 23.95
C ASP E 190 -10.24 27.82 23.39
N GLU E 191 -10.67 28.97 22.91
CA GLU E 191 -12.00 29.17 22.31
C GLU E 191 -12.23 28.12 21.20
N ILE E 192 -11.28 28.05 20.28
CA ILE E 192 -11.35 27.10 19.18
C ILE E 192 -11.21 25.69 19.76
N ARG E 193 -10.11 25.48 20.49
CA ARG E 193 -9.78 24.20 21.11
C ARG E 193 -11.00 23.47 21.67
N MET E 194 -11.89 24.23 22.28
CA MET E 194 -13.09 23.68 22.88
C MET E 194 -14.07 23.07 21.90
N THR E 195 -14.52 23.85 20.93
CA THR E 195 -15.49 23.37 19.96
C THR E 195 -15.12 22.02 19.37
N TYR E 196 -13.82 21.70 19.37
CA TYR E 196 -13.34 20.41 18.86
C TYR E 196 -13.41 19.40 19.96
N ILE E 197 -13.28 19.88 21.20
CA ILE E 197 -13.39 19.00 22.34
C ILE E 197 -14.85 18.66 22.36
N LYS E 198 -15.65 19.69 22.08
CA LYS E 198 -17.10 19.54 22.02
C LYS E 198 -17.34 18.63 20.81
N GLU E 199 -16.96 19.14 19.63
CA GLU E 199 -17.11 18.45 18.35
C GLU E 199 -16.57 17.03 18.36
N LEU E 200 -15.80 16.70 19.40
CA LEU E 200 -15.24 15.36 19.56
C LEU E 200 -16.21 14.50 20.38
N GLY E 201 -16.91 15.15 21.31
CA GLY E 201 -17.89 14.42 22.09
C GLY E 201 -18.91 13.95 21.09
N LYS E 202 -19.42 14.90 20.30
CA LYS E 202 -20.42 14.63 19.27
C LYS E 202 -20.14 13.30 18.59
N ALA E 203 -18.90 13.11 18.13
CA ALA E 203 -18.50 11.87 17.44
C ALA E 203 -18.66 10.61 18.28
N ILE E 204 -18.17 10.65 19.51
CA ILE E 204 -18.29 9.51 20.42
C ILE E 204 -19.79 9.23 20.55
N VAL E 205 -20.53 10.28 20.86
CA VAL E 205 -21.98 10.21 20.99
C VAL E 205 -22.49 9.27 19.89
N LYS E 206 -22.29 9.68 18.64
CA LYS E 206 -22.69 8.90 17.48
C LYS E 206 -22.02 7.54 17.60
N ARG E 207 -22.79 6.58 18.09
CA ARG E 207 -22.37 5.19 18.34
C ARG E 207 -22.78 4.85 19.77
N SER E 211 -24.90 4.11 22.72
CA SER E 211 -24.19 5.00 23.70
C SER E 211 -24.04 4.44 25.11
N SER E 212 -24.60 5.14 26.12
CA SER E 212 -24.53 4.70 27.53
C SER E 212 -23.46 5.49 28.36
N GLN E 213 -22.30 4.87 28.58
CA GLN E 213 -21.20 5.47 29.33
C GLN E 213 -20.14 6.03 28.37
N ASN E 214 -20.58 6.77 27.36
CA ASN E 214 -19.66 7.36 26.40
C ASN E 214 -18.46 7.92 27.14
N TRP E 215 -18.68 8.34 28.37
CA TRP E 215 -17.63 8.89 29.21
C TRP E 215 -16.36 8.06 29.31
N GLN E 216 -16.51 6.75 29.45
CA GLN E 216 -15.34 5.89 29.55
C GLN E 216 -14.59 5.95 28.24
N ARG E 217 -15.32 5.76 27.14
CA ARG E 217 -14.75 5.85 25.78
C ARG E 217 -14.00 7.17 25.71
N PHE E 218 -14.74 8.22 26.00
CA PHE E 218 -14.24 9.56 26.02
C PHE E 218 -12.93 9.61 26.82
N TYR E 219 -12.97 9.15 28.07
CA TYR E 219 -11.77 9.13 28.94
C TYR E 219 -10.57 8.47 28.29
N GLN E 220 -10.80 7.26 27.78
CA GLN E 220 -9.78 6.46 27.12
C GLN E 220 -9.05 7.22 25.99
N LEU E 221 -9.82 7.77 25.04
CA LEU E 221 -9.29 8.51 23.90
C LEU E 221 -8.42 9.71 24.27
N THR E 222 -8.82 10.41 25.33
CA THR E 222 -8.08 11.59 25.80
C THR E 222 -6.69 11.27 26.34
N LYS E 223 -6.61 10.26 27.22
CA LYS E 223 -5.34 9.84 27.80
C LYS E 223 -4.41 9.32 26.70
N LEU E 224 -4.81 9.49 25.44
CA LEU E 224 -4.01 9.07 24.30
C LEU E 224 -3.39 10.28 23.63
N LEU E 225 -4.12 11.38 23.61
CA LEU E 225 -3.61 12.59 23.00
C LEU E 225 -2.52 13.20 23.87
N ASP E 226 -2.58 12.90 25.17
CA ASP E 226 -1.59 13.39 26.14
C ASP E 226 -0.37 12.48 25.97
N SER E 227 -0.62 11.30 25.39
CA SER E 227 0.37 10.29 25.13
C SER E 227 1.31 10.70 23.97
N MET E 228 0.82 11.57 23.10
CA MET E 228 1.57 12.06 21.93
C MET E 228 2.72 12.90 22.36
N HIS E 229 2.65 13.42 23.57
CA HIS E 229 3.71 14.27 24.06
C HIS E 229 4.93 13.46 24.42
N GLU E 230 4.71 12.27 24.98
CA GLU E 230 5.82 11.41 25.35
C GLU E 230 6.36 10.88 24.03
N VAL E 231 5.44 10.34 23.24
CA VAL E 231 5.75 9.82 21.90
C VAL E 231 6.61 10.82 21.13
N VAL E 232 5.98 11.90 20.65
CA VAL E 232 6.69 12.94 19.90
C VAL E 232 8.07 13.21 20.50
N GLU E 233 8.19 13.05 21.81
CA GLU E 233 9.45 13.30 22.50
C GLU E 233 10.55 12.42 21.96
N ASN E 234 10.27 11.12 21.92
CA ASN E 234 11.20 10.11 21.43
C ASN E 234 11.53 10.30 19.93
N LEU E 235 10.51 10.57 19.12
CA LEU E 235 10.67 10.75 17.68
C LEU E 235 11.52 11.98 17.33
N LEU E 236 11.60 12.93 18.26
CA LEU E 236 12.38 14.14 18.08
C LEU E 236 13.80 14.03 18.60
N ASN E 237 13.97 13.35 19.73
CA ASN E 237 15.30 13.14 20.30
C ASN E 237 16.03 12.18 19.35
N TYR E 238 15.27 11.53 18.48
CA TYR E 238 15.81 10.57 17.51
C TYR E 238 15.86 11.21 16.16
N CYS E 239 14.93 12.14 15.94
CA CYS E 239 14.84 12.87 14.69
C CYS E 239 15.88 13.98 14.62
N PHE E 240 16.10 14.67 15.74
CA PHE E 240 17.08 15.74 15.75
C PHE E 240 18.47 15.13 15.65
N GLN E 241 18.65 13.93 16.20
CA GLN E 241 19.94 13.25 16.11
C GLN E 241 20.40 13.11 14.66
N THR E 242 19.62 12.32 13.91
CA THR E 242 19.86 12.02 12.50
C THR E 242 20.03 13.27 11.65
N PHE E 243 19.46 14.37 12.11
CA PHE E 243 19.57 15.65 11.42
C PHE E 243 20.93 16.28 11.73
N LEU E 244 21.36 16.09 12.98
CA LEU E 244 22.66 16.58 13.48
C LEU E 244 23.82 15.83 12.86
N ASP E 245 23.95 14.54 13.21
CA ASP E 245 25.05 13.75 12.69
C ASP E 245 24.99 13.44 11.21
N LYS E 246 25.93 14.03 10.47
CA LYS E 246 26.04 13.85 9.03
C LYS E 246 26.77 12.54 8.73
N THR E 247 27.31 11.92 9.78
CA THR E 247 27.99 10.63 9.67
C THR E 247 26.90 9.65 9.24
N MET E 248 25.65 10.09 9.35
CA MET E 248 24.49 9.27 9.03
C MET E 248 24.17 9.13 7.54
N SER E 249 24.54 10.14 6.75
CA SER E 249 24.28 10.14 5.30
C SER E 249 22.80 10.34 4.99
N ILE E 250 22.02 10.66 6.02
CA ILE E 250 20.58 10.92 5.91
C ILE E 250 20.29 12.41 5.66
N GLU E 251 19.42 12.71 4.69
CA GLU E 251 19.11 14.11 4.33
C GLU E 251 17.66 14.58 4.58
N PHE E 252 17.48 15.90 4.73
CA PHE E 252 16.16 16.49 4.99
C PHE E 252 15.79 17.58 3.99
N PRO E 253 14.50 17.71 3.67
CA PRO E 253 14.08 18.76 2.73
C PRO E 253 14.13 20.05 3.53
N GLU E 254 14.21 21.19 2.88
CA GLU E 254 14.31 22.44 3.63
C GLU E 254 13.17 22.71 4.60
N MET E 255 12.01 22.17 4.30
CA MET E 255 10.86 22.36 5.17
C MET E 255 11.26 21.98 6.56
N LEU E 256 11.57 20.70 6.73
CA LEU E 256 11.98 20.14 8.02
C LEU E 256 13.33 20.70 8.46
N ALA E 257 14.12 21.18 7.51
CA ALA E 257 15.41 21.76 7.84
C ALA E 257 15.14 22.89 8.83
N GLU E 258 14.40 23.89 8.37
CA GLU E 258 14.04 25.09 9.13
C GLU E 258 13.12 24.87 10.37
N ILE E 259 12.26 23.86 10.29
CA ILE E 259 11.30 23.53 11.35
C ILE E 259 11.96 22.89 12.58
N ILE E 260 12.97 22.08 12.33
CA ILE E 260 13.72 21.40 13.39
C ILE E 260 14.69 22.45 13.95
N THR E 261 15.62 22.85 13.07
CA THR E 261 16.65 23.87 13.35
C THR E 261 16.12 24.79 14.41
N ASN E 262 14.94 25.35 14.11
CA ASN E 262 14.26 26.24 15.02
C ASN E 262 13.95 25.42 16.27
N GLN E 263 12.83 24.72 16.21
CA GLN E 263 12.33 23.92 17.30
C GLN E 263 13.33 23.38 18.28
N ILE E 264 13.63 22.11 18.11
CA ILE E 264 14.53 21.40 19.00
C ILE E 264 15.65 22.17 19.73
N PRO E 265 16.39 23.06 19.05
CA PRO E 265 17.44 23.78 19.80
C PRO E 265 16.83 24.67 20.89
N LYS E 266 15.99 25.62 20.47
CA LYS E 266 15.36 26.51 21.41
C LYS E 266 14.65 25.75 22.52
N TYR E 267 13.64 24.97 22.15
CA TYR E 267 12.84 24.20 23.09
C TYR E 267 13.60 23.32 24.09
N SER E 268 14.89 23.07 23.84
CA SER E 268 15.69 22.26 24.77
C SER E 268 16.02 23.13 25.99
N ASN E 269 15.23 24.19 26.13
CA ASN E 269 15.31 25.18 27.23
C ASN E 269 13.92 25.21 27.91
N GLY E 270 13.27 24.05 27.98
CA GLY E 270 11.95 23.91 28.59
C GLY E 270 10.97 25.08 28.53
N ASN E 271 11.04 25.86 27.46
CA ASN E 271 10.15 26.99 27.30
C ASN E 271 8.76 26.62 26.76
N ILE E 272 8.54 25.31 26.50
CA ILE E 272 7.26 24.80 25.94
C ILE E 272 6.27 24.14 26.92
N LYS E 273 5.01 24.59 26.85
CA LYS E 273 3.93 24.07 27.69
C LYS E 273 3.05 23.08 26.97
N LYS E 274 3.42 21.81 27.08
CA LYS E 274 2.65 20.76 26.47
C LYS E 274 1.30 20.75 27.20
N LEU E 275 0.20 20.75 26.45
CA LEU E 275 -1.13 20.75 27.08
C LEU E 275 -1.54 19.39 27.65
N LEU E 276 -2.71 19.34 28.29
CA LEU E 276 -3.16 18.11 28.91
C LEU E 276 -4.66 17.91 29.01
N PHE E 277 -4.99 16.73 29.52
CA PHE E 277 -6.36 16.30 29.75
C PHE E 277 -6.33 15.49 31.04
N HIS E 278 -5.11 15.17 31.50
CA HIS E 278 -4.93 14.40 32.74
C HIS E 278 -3.56 14.73 33.33
N GLN E 279 -3.53 15.07 34.61
CA GLN E 279 -2.26 15.40 35.27
C GLN E 279 -1.94 14.32 36.32
N ALA F 4 10.62 30.57 8.86
CA ALA F 4 10.81 31.55 7.74
C ALA F 4 9.94 31.15 6.56
N LEU F 5 10.22 30.01 5.96
CA LEU F 5 9.42 29.54 4.83
C LEU F 5 8.01 29.36 5.36
N LEU F 6 7.93 29.11 6.66
CA LEU F 6 6.66 28.91 7.33
C LEU F 6 5.80 30.17 7.28
N ARG F 7 6.40 31.30 7.60
CA ARG F 7 5.66 32.57 7.59
C ARG F 7 4.95 32.73 6.25
N TYR F 8 5.72 32.69 5.17
CA TYR F 8 5.20 32.85 3.81
C TYR F 8 4.04 31.90 3.47
N LEU F 9 4.23 30.62 3.72
CA LEU F 9 3.20 29.63 3.44
C LEU F 9 1.95 30.05 4.20
N LEU F 10 2.16 30.50 5.43
CA LEU F 10 1.07 30.97 6.31
C LEU F 10 0.54 32.31 5.78
N ASP F 11 1.42 33.31 5.70
CA ASP F 11 1.07 34.64 5.17
C ASP F 11 1.19 34.59 3.64
N LYS F 12 0.09 34.23 3.01
CA LYS F 12 0.00 34.09 1.57
C LYS F 12 -1.16 33.14 1.46
N GLN G 30 -19.41 33.45 10.79
CA GLN G 30 -19.05 34.11 12.10
C GLN G 30 -18.87 33.09 13.25
N LEU G 31 -17.95 32.13 13.04
CA LEU G 31 -17.59 31.06 13.98
C LEU G 31 -17.40 29.74 13.21
N THR G 32 -18.52 29.06 12.90
CA THR G 32 -18.53 27.77 12.19
C THR G 32 -18.62 27.91 10.62
N PRO G 33 -19.02 26.84 9.87
CA PRO G 33 -19.02 27.13 8.43
C PRO G 33 -20.34 27.43 7.73
N THR G 34 -20.27 28.45 6.87
CA THR G 34 -21.38 28.89 6.04
C THR G 34 -21.44 27.79 4.99
N LEU G 35 -22.01 28.10 3.84
CA LEU G 35 -22.06 27.12 2.77
C LEU G 35 -21.14 27.68 1.72
N VAL G 36 -20.86 28.97 1.84
CA VAL G 36 -19.98 29.64 0.91
C VAL G 36 -18.59 29.34 1.42
N SER G 37 -18.43 29.45 2.74
CA SER G 37 -17.16 29.18 3.41
C SER G 37 -16.62 27.92 2.77
N LEU G 38 -17.52 26.98 2.60
CA LEU G 38 -17.22 25.70 1.98
C LEU G 38 -16.71 25.95 0.56
N LEU G 39 -17.64 26.09 -0.38
CA LEU G 39 -17.33 26.32 -1.79
C LEU G 39 -15.94 26.89 -2.02
N GLU G 40 -15.58 27.81 -1.15
CA GLU G 40 -14.32 28.53 -1.19
C GLU G 40 -13.05 27.77 -0.82
N VAL G 41 -13.15 26.95 0.21
CA VAL G 41 -12.00 26.18 0.64
C VAL G 41 -11.89 24.92 -0.20
N ILE G 42 -12.97 24.54 -0.88
CA ILE G 42 -12.91 23.35 -1.71
C ILE G 42 -12.55 23.81 -3.10
N GLU G 43 -12.44 25.13 -3.25
CA GLU G 43 -12.08 25.71 -4.54
C GLU G 43 -10.67 25.25 -4.84
N PRO G 44 -10.52 24.38 -5.86
CA PRO G 44 -9.23 23.83 -6.28
C PRO G 44 -8.23 24.94 -6.59
N GLU G 45 -6.97 24.54 -6.73
CA GLU G 45 -5.91 25.50 -7.00
C GLU G 45 -5.44 25.52 -8.45
N VAL G 46 -5.14 26.73 -8.94
CA VAL G 46 -4.70 26.93 -10.32
C VAL G 46 -3.54 25.99 -10.64
N LEU G 47 -3.69 25.24 -11.73
CA LEU G 47 -2.62 24.32 -12.11
C LEU G 47 -1.66 25.11 -12.96
N TYR G 48 -0.55 24.48 -13.34
CA TYR G 48 0.45 25.14 -14.15
C TYR G 48 0.57 24.48 -15.48
N ALA G 49 0.66 25.30 -16.51
CA ALA G 49 0.77 24.82 -17.87
C ALA G 49 1.67 23.61 -18.03
N GLY G 50 2.97 23.80 -17.85
CA GLY G 50 3.90 22.70 -18.01
C GLY G 50 4.50 22.72 -19.41
N TYR G 51 4.28 23.83 -20.10
CA TYR G 51 4.77 24.06 -21.46
C TYR G 51 6.32 24.00 -21.54
N ASP G 52 6.88 23.92 -22.74
CA ASP G 52 8.34 23.92 -22.87
C ASP G 52 8.84 25.30 -23.25
N SER G 53 7.89 26.16 -23.62
CA SER G 53 8.16 27.53 -24.03
C SER G 53 9.43 27.78 -24.87
N SER G 54 10.58 27.26 -24.41
CA SER G 54 11.85 27.44 -25.11
C SER G 54 11.74 27.34 -26.64
N VAL G 55 11.01 26.33 -27.11
CA VAL G 55 10.79 26.16 -28.54
C VAL G 55 9.86 27.28 -28.99
N PRO G 56 10.19 28.00 -30.08
CA PRO G 56 9.30 29.09 -30.51
C PRO G 56 7.82 28.68 -30.52
N ASP G 57 6.94 29.66 -30.29
CA ASP G 57 5.49 29.40 -30.23
C ASP G 57 4.87 28.76 -31.47
N SER G 58 3.76 28.08 -31.27
CA SER G 58 3.05 27.41 -32.35
C SER G 58 1.61 27.12 -31.91
N THR G 59 0.65 27.43 -32.79
CA THR G 59 -0.76 27.23 -32.48
C THR G 59 -1.08 25.81 -31.99
N TRP G 60 -0.95 24.82 -32.87
CA TRP G 60 -1.23 23.45 -32.46
C TRP G 60 -0.36 23.00 -31.27
N ARG G 61 0.85 23.53 -31.20
CA ARG G 61 1.77 23.17 -30.13
C ARG G 61 1.15 23.57 -28.81
N ILE G 62 0.50 24.73 -28.85
CA ILE G 62 -0.16 25.36 -27.71
C ILE G 62 -1.46 24.73 -27.20
N MET G 63 -2.44 24.54 -28.07
CA MET G 63 -3.74 23.94 -27.70
C MET G 63 -3.53 22.62 -27.01
N THR G 64 -2.72 21.79 -27.65
CA THR G 64 -2.39 20.44 -27.17
C THR G 64 -1.96 20.50 -25.69
N THR G 65 -1.29 21.58 -25.33
CA THR G 65 -0.83 21.78 -23.96
C THR G 65 -2.05 22.12 -23.11
N LEU G 66 -2.84 23.07 -23.61
CA LEU G 66 -4.05 23.52 -22.96
C LEU G 66 -5.01 22.37 -22.72
N ASN G 67 -5.15 21.51 -23.74
CA ASN G 67 -6.02 20.36 -23.62
C ASN G 67 -5.49 19.44 -22.54
N MET G 68 -4.17 19.42 -22.40
CA MET G 68 -3.50 18.61 -21.37
C MET G 68 -3.73 19.23 -20.00
N LEU G 69 -3.76 20.56 -19.97
CA LEU G 69 -4.00 21.31 -18.75
C LEU G 69 -5.48 21.18 -18.43
N GLY G 70 -6.33 21.56 -19.37
CA GLY G 70 -7.75 21.45 -19.15
C GLY G 70 -8.06 20.08 -18.61
N GLY G 71 -7.54 19.05 -19.28
CA GLY G 71 -7.75 17.68 -18.88
C GLY G 71 -7.46 17.37 -17.43
N ARG G 72 -6.46 18.03 -16.87
CA ARG G 72 -6.08 17.83 -15.48
C ARG G 72 -7.01 18.64 -14.61
N GLN G 73 -7.59 19.67 -15.22
CA GLN G 73 -8.50 20.55 -14.50
C GLN G 73 -9.88 19.90 -14.37
N VAL G 74 -10.21 19.03 -15.32
CA VAL G 74 -11.49 18.34 -15.28
C VAL G 74 -11.41 17.46 -14.05
N ILE G 75 -10.33 16.70 -13.97
CA ILE G 75 -10.09 15.82 -12.86
C ILE G 75 -10.29 16.57 -11.53
N ALA G 76 -9.64 17.72 -11.41
CA ALA G 76 -9.76 18.56 -10.21
C ALA G 76 -11.22 18.93 -9.98
N ALA G 77 -11.93 19.18 -11.09
CA ALA G 77 -13.33 19.54 -11.06
C ALA G 77 -14.15 18.40 -10.48
N VAL G 78 -13.91 17.21 -10.98
CA VAL G 78 -14.62 16.06 -10.45
C VAL G 78 -14.50 16.14 -8.93
N LYS G 79 -13.31 15.83 -8.42
CA LYS G 79 -13.07 15.85 -6.99
C LYS G 79 -13.76 17.02 -6.33
N TRP G 80 -13.66 18.18 -6.96
CA TRP G 80 -14.28 19.40 -6.48
C TRP G 80 -15.79 19.21 -6.33
N ALA G 81 -16.41 18.66 -7.35
CA ALA G 81 -17.83 18.41 -7.32
C ALA G 81 -18.20 17.51 -6.16
N LYS G 82 -17.56 16.34 -6.09
CA LYS G 82 -17.82 15.36 -5.03
C LYS G 82 -17.75 16.00 -3.66
N ALA G 83 -17.00 17.09 -3.56
CA ALA G 83 -16.85 17.80 -2.29
C ALA G 83 -18.11 18.60 -1.99
N ILE G 84 -18.95 18.73 -3.01
CA ILE G 84 -20.18 19.49 -2.92
C ILE G 84 -21.32 18.76 -2.24
N PRO G 85 -21.98 19.45 -1.29
CA PRO G 85 -23.11 19.01 -0.45
C PRO G 85 -24.35 18.67 -1.25
N GLY G 86 -24.62 17.37 -1.39
CA GLY G 86 -25.79 16.96 -2.14
C GLY G 86 -25.41 16.37 -3.48
N PHE G 87 -24.23 16.71 -3.98
CA PHE G 87 -23.78 16.19 -5.26
C PHE G 87 -23.59 14.69 -5.10
N ARG G 88 -22.72 14.32 -4.17
CA ARG G 88 -22.44 12.92 -3.89
C ARG G 88 -23.74 12.16 -3.69
N ASN G 89 -24.80 12.90 -3.35
CA ASN G 89 -26.12 12.33 -3.07
C ASN G 89 -26.98 12.00 -4.29
N LEU G 90 -26.84 12.78 -5.36
CA LEU G 90 -27.61 12.52 -6.56
C LEU G 90 -27.30 11.13 -7.06
N HIS G 91 -27.99 10.72 -8.11
CA HIS G 91 -27.73 9.41 -8.65
C HIS G 91 -26.44 9.53 -9.41
N LEU G 92 -25.49 8.62 -9.17
CA LEU G 92 -24.21 8.70 -9.86
C LEU G 92 -24.40 8.93 -11.35
N ASP G 93 -25.47 8.38 -11.91
CA ASP G 93 -25.77 8.57 -13.34
C ASP G 93 -26.01 10.04 -13.58
N ASP G 94 -26.59 10.71 -12.59
CA ASP G 94 -26.86 12.13 -12.66
C ASP G 94 -25.53 12.85 -12.45
N GLN G 95 -24.80 12.42 -11.42
CA GLN G 95 -23.50 13.01 -11.11
C GLN G 95 -22.57 12.91 -12.30
N MET G 96 -22.63 11.79 -13.02
CA MET G 96 -21.77 11.62 -14.18
C MET G 96 -22.26 12.43 -15.39
N THR G 97 -23.56 12.40 -15.69
CA THR G 97 -24.07 13.17 -16.83
C THR G 97 -24.01 14.70 -16.57
N LEU G 98 -24.09 15.10 -15.30
CA LEU G 98 -24.04 16.53 -14.96
C LEU G 98 -22.66 17.08 -15.27
N LEU G 99 -21.65 16.39 -14.78
CA LEU G 99 -20.28 16.80 -15.04
C LEU G 99 -20.11 16.69 -16.56
N GLN G 100 -20.97 15.89 -17.20
CA GLN G 100 -20.89 15.70 -18.64
C GLN G 100 -21.23 16.94 -19.48
N TYR G 101 -22.16 17.80 -19.05
CA TYR G 101 -22.40 19.02 -19.83
C TYR G 101 -21.62 20.22 -19.28
N SER G 102 -21.82 20.48 -17.99
CA SER G 102 -21.20 21.60 -17.30
C SER G 102 -19.68 21.72 -17.48
N TRP G 103 -19.00 20.60 -17.71
CA TRP G 103 -17.56 20.61 -17.84
C TRP G 103 -16.92 21.77 -18.61
N MET G 104 -17.45 22.13 -19.77
CA MET G 104 -16.84 23.24 -20.49
C MET G 104 -17.40 24.48 -19.82
N SER G 105 -18.72 24.50 -19.65
CA SER G 105 -19.44 25.62 -19.03
C SER G 105 -18.64 26.13 -17.82
N LEU G 106 -18.09 25.21 -17.06
CA LEU G 106 -17.31 25.53 -15.87
C LEU G 106 -15.93 26.07 -16.21
N MET G 107 -15.18 25.31 -16.98
CA MET G 107 -13.84 25.71 -17.37
C MET G 107 -13.82 27.15 -17.84
N ALA G 108 -14.65 27.44 -18.83
CA ALA G 108 -14.77 28.76 -19.42
C ALA G 108 -14.88 29.84 -18.38
N PHE G 109 -15.44 29.49 -17.24
CA PHE G 109 -15.67 30.43 -16.15
C PHE G 109 -14.46 30.59 -15.24
N ALA G 110 -13.96 29.47 -14.70
CA ALA G 110 -12.80 29.51 -13.84
C ALA G 110 -11.74 30.28 -14.62
N LEU G 111 -11.58 29.92 -15.89
CA LEU G 111 -10.63 30.60 -16.73
C LEU G 111 -10.91 32.10 -16.63
N GLY G 112 -12.00 32.53 -17.25
CA GLY G 112 -12.40 33.93 -17.24
C GLY G 112 -12.06 34.70 -15.97
N TRP G 113 -12.28 34.07 -14.81
CA TRP G 113 -12.00 34.69 -13.51
C TRP G 113 -10.51 34.80 -13.31
N ARG G 114 -9.80 33.73 -13.60
CA ARG G 114 -8.37 33.81 -13.46
C ARG G 114 -7.95 34.92 -14.39
N SER G 115 -8.59 35.01 -15.55
CA SER G 115 -8.26 36.03 -16.55
C SER G 115 -8.59 37.45 -16.14
N TYR G 116 -9.63 37.60 -15.33
CA TYR G 116 -10.08 38.91 -14.86
C TYR G 116 -9.41 39.33 -13.56
N ARG G 117 -8.52 38.49 -13.05
CA ARG G 117 -7.84 38.77 -11.80
C ARG G 117 -6.52 39.55 -11.87
N GLN G 118 -6.39 40.41 -12.89
CA GLN G 118 -5.23 41.29 -13.09
C GLN G 118 -5.07 41.56 -14.56
N SER G 119 -5.23 40.52 -15.36
CA SER G 119 -5.09 40.62 -16.80
C SER G 119 -5.96 41.73 -17.37
N SER G 120 -5.42 42.94 -17.36
CA SER G 120 -6.10 44.13 -17.86
C SER G 120 -6.08 44.17 -19.39
N ALA G 121 -4.93 43.90 -20.00
CA ALA G 121 -4.86 43.88 -21.46
C ALA G 121 -5.77 42.74 -21.95
N ASN G 122 -6.85 42.53 -21.20
CA ASN G 122 -7.82 41.50 -21.50
C ASN G 122 -7.19 40.13 -21.21
N LEU G 123 -6.13 39.81 -21.95
CA LEU G 123 -5.39 38.55 -21.82
C LEU G 123 -6.09 37.38 -21.13
N LEU G 124 -5.86 36.19 -21.67
CA LEU G 124 -6.46 34.98 -21.13
C LEU G 124 -5.47 34.27 -20.23
N CYS G 125 -5.74 34.22 -18.93
CA CYS G 125 -4.82 33.55 -18.03
C CYS G 125 -5.21 32.10 -17.88
N PHE G 126 -4.62 31.24 -18.71
CA PHE G 126 -4.92 29.82 -18.65
C PHE G 126 -4.28 29.17 -17.45
N ALA G 127 -3.01 29.52 -17.22
CA ALA G 127 -2.25 28.99 -16.10
C ALA G 127 -1.38 30.12 -15.61
N PRO G 128 -0.93 30.04 -14.36
CA PRO G 128 -0.07 31.11 -13.87
C PRO G 128 1.14 31.33 -14.76
N ASP G 129 1.70 30.24 -15.30
CA ASP G 129 2.87 30.35 -16.19
C ASP G 129 2.54 30.34 -17.67
N LEU G 130 1.27 30.47 -18.01
CA LEU G 130 0.88 30.44 -19.40
C LEU G 130 -0.31 31.34 -19.70
N ILE G 131 0.00 32.54 -20.20
CA ILE G 131 -1.02 33.52 -20.52
C ILE G 131 -0.93 33.96 -21.96
N ILE G 132 -2.04 34.43 -22.50
CA ILE G 132 -2.06 34.90 -23.88
C ILE G 132 -2.15 36.41 -23.89
N ASN G 133 -1.04 37.00 -24.30
CA ASN G 133 -0.84 38.44 -24.39
C ASN G 133 -1.29 38.91 -25.77
N GLU G 134 -0.61 39.93 -26.27
CA GLU G 134 -0.90 40.48 -27.57
C GLU G 134 -0.30 39.56 -28.65
N GLN G 135 1.02 39.68 -28.85
CA GLN G 135 1.69 38.88 -29.89
C GLN G 135 1.53 37.36 -29.79
N ARG G 136 0.85 36.86 -28.78
CA ARG G 136 0.66 35.41 -28.69
C ARG G 136 -0.74 35.14 -29.22
N MET G 137 -1.50 36.20 -29.39
CA MET G 137 -2.88 36.12 -29.88
C MET G 137 -2.84 36.32 -31.39
N THR G 138 -1.72 36.82 -31.85
CA THR G 138 -1.49 37.08 -33.26
C THR G 138 -1.37 35.76 -34.03
N LEU G 139 -1.08 34.70 -33.29
CA LEU G 139 -0.93 33.36 -33.86
C LEU G 139 -2.18 32.96 -34.66
N PRO G 140 -1.96 32.25 -35.77
CA PRO G 140 -2.99 31.75 -36.69
C PRO G 140 -4.21 31.11 -36.04
N ASP G 141 -5.38 31.62 -36.40
CA ASP G 141 -6.66 31.13 -35.89
C ASP G 141 -6.60 31.02 -34.36
N MET G 142 -6.17 32.12 -33.73
CA MET G 142 -6.04 32.18 -32.27
C MET G 142 -7.17 32.98 -31.64
N TYR G 143 -7.26 34.26 -32.01
CA TYR G 143 -8.29 35.15 -31.51
C TYR G 143 -9.65 34.67 -32.01
N ASP G 144 -9.62 33.76 -32.98
CA ASP G 144 -10.86 33.20 -33.54
C ASP G 144 -11.67 32.43 -32.46
N GLN G 145 -10.99 32.02 -31.38
CA GLN G 145 -11.63 31.28 -30.28
C GLN G 145 -11.51 31.97 -28.92
N CYS G 146 -10.46 32.73 -28.75
CA CYS G 146 -10.23 33.43 -27.51
C CYS G 146 -11.27 34.51 -27.29
N LYS G 147 -11.64 35.20 -28.36
CA LYS G 147 -12.64 36.24 -28.28
C LYS G 147 -13.77 35.84 -27.33
N HIS G 148 -14.21 34.59 -27.49
CA HIS G 148 -15.31 33.99 -26.71
C HIS G 148 -14.95 33.73 -25.26
N MET G 149 -13.67 33.76 -24.97
CA MET G 149 -13.21 33.53 -23.61
C MET G 149 -12.93 34.89 -23.01
N LEU G 150 -12.44 35.80 -23.83
CA LEU G 150 -12.16 37.13 -23.33
C LEU G 150 -13.48 37.72 -22.88
N TYR G 151 -14.55 37.35 -23.57
CA TYR G 151 -15.88 37.82 -23.23
C TYR G 151 -16.14 37.64 -21.74
N VAL G 152 -15.96 36.42 -21.26
CA VAL G 152 -16.18 36.12 -19.86
C VAL G 152 -15.39 37.05 -18.92
N SER G 153 -14.05 37.00 -18.92
CA SER G 153 -13.26 37.85 -18.02
C SER G 153 -13.59 39.34 -18.08
N SER G 154 -14.05 39.79 -19.25
CA SER G 154 -14.41 41.20 -19.42
C SER G 154 -15.83 41.38 -18.98
N GLU G 155 -16.60 40.31 -19.02
CA GLU G 155 -17.98 40.36 -18.61
C GLU G 155 -17.96 40.24 -17.10
N LEU G 156 -17.06 39.37 -16.65
CA LEU G 156 -16.85 39.10 -15.24
C LEU G 156 -16.31 40.38 -14.62
N HIS G 157 -15.48 41.07 -15.40
CA HIS G 157 -14.87 42.31 -14.99
C HIS G 157 -15.94 43.39 -14.83
N ARG G 158 -16.60 43.69 -15.93
CA ARG G 158 -17.67 44.68 -16.00
C ARG G 158 -18.65 44.72 -14.82
N LEU G 159 -18.81 43.62 -14.09
CA LEU G 159 -19.74 43.61 -12.96
C LEU G 159 -19.03 43.52 -11.61
N GLN G 160 -17.71 43.52 -11.62
CA GLN G 160 -16.92 43.45 -10.39
C GLN G 160 -17.37 42.31 -9.48
N VAL G 161 -17.69 41.17 -10.08
CA VAL G 161 -18.12 40.04 -9.28
C VAL G 161 -17.10 39.74 -8.20
N SER G 162 -17.60 39.28 -7.06
CA SER G 162 -16.75 38.95 -5.94
C SER G 162 -16.51 37.44 -5.89
N TYR G 163 -15.43 37.05 -5.24
CA TYR G 163 -15.10 35.65 -5.12
C TYR G 163 -16.29 34.85 -4.64
N GLU G 164 -17.12 35.45 -3.77
CA GLU G 164 -18.29 34.77 -3.24
C GLU G 164 -19.42 34.59 -4.24
N GLU G 165 -19.68 35.62 -5.05
CA GLU G 165 -20.73 35.51 -6.04
C GLU G 165 -20.20 34.48 -6.98
N TYR G 166 -18.95 34.68 -7.40
CA TYR G 166 -18.27 33.75 -8.27
C TYR G 166 -18.50 32.31 -7.83
N LEU G 167 -17.95 31.96 -6.66
CA LEU G 167 -18.04 30.63 -6.09
C LEU G 167 -19.38 29.92 -6.23
N CYS G 168 -20.44 30.67 -5.95
CA CYS G 168 -21.79 30.14 -6.02
C CYS G 168 -22.25 29.98 -7.47
N MET G 169 -21.73 30.85 -8.33
CA MET G 169 -22.06 30.83 -9.75
C MET G 169 -21.35 29.69 -10.44
N LYS G 170 -20.06 29.56 -10.14
CA LYS G 170 -19.24 28.48 -10.70
C LYS G 170 -19.96 27.19 -10.33
N THR G 171 -20.59 27.22 -9.16
CA THR G 171 -21.35 26.08 -8.66
C THR G 171 -22.61 25.91 -9.49
N LEU G 172 -23.29 27.03 -9.74
CA LEU G 172 -24.51 27.04 -10.52
C LEU G 172 -24.30 26.56 -11.94
N LEU G 173 -23.16 26.91 -12.52
CA LEU G 173 -22.87 26.47 -13.88
C LEU G 173 -22.92 24.96 -13.98
N LEU G 174 -22.60 24.30 -12.88
CA LEU G 174 -22.63 22.85 -12.86
C LEU G 174 -24.09 22.40 -12.99
N LEU G 175 -25.01 23.30 -12.68
CA LEU G 175 -26.44 22.98 -12.74
C LEU G 175 -27.17 23.69 -13.86
N SER G 176 -26.42 24.22 -14.82
CA SER G 176 -27.01 24.93 -15.94
C SER G 176 -27.77 24.01 -16.91
N SER G 177 -27.28 22.80 -17.14
CA SER G 177 -27.97 21.90 -18.05
C SER G 177 -28.48 20.63 -17.41
N VAL G 178 -29.55 20.09 -17.99
CA VAL G 178 -30.21 18.87 -17.54
C VAL G 178 -30.60 18.02 -18.76
N PRO G 179 -30.93 16.72 -18.55
CA PRO G 179 -31.30 15.83 -19.66
C PRO G 179 -32.33 16.39 -20.61
N LYS G 180 -33.56 16.50 -20.12
CA LYS G 180 -34.71 16.97 -20.90
C LYS G 180 -35.76 16.09 -20.26
N ASP G 181 -35.25 14.96 -19.78
CA ASP G 181 -36.04 13.93 -19.15
C ASP G 181 -35.67 13.86 -17.68
N GLY G 182 -34.98 14.88 -17.16
CA GLY G 182 -34.61 14.86 -15.76
C GLY G 182 -33.67 13.75 -15.35
N LEU G 183 -33.13 13.89 -14.14
CA LEU G 183 -32.19 12.91 -13.61
C LEU G 183 -32.92 12.01 -12.64
N LYS G 184 -32.44 10.79 -12.51
CA LYS G 184 -33.02 9.80 -11.63
C LYS G 184 -33.29 10.37 -10.22
N SER G 185 -32.62 11.47 -9.89
CA SER G 185 -32.80 12.11 -8.61
C SER G 185 -33.16 13.57 -8.84
N GLN G 186 -33.99 13.78 -9.86
CA GLN G 186 -34.46 15.09 -10.29
C GLN G 186 -34.94 15.99 -9.16
N GLU G 187 -35.67 15.43 -8.21
CA GLU G 187 -36.15 16.22 -7.09
C GLU G 187 -34.95 16.88 -6.44
N LEU G 188 -34.06 16.04 -5.90
CA LEU G 188 -32.82 16.45 -5.23
C LEU G 188 -32.15 17.52 -6.07
N PHE G 189 -31.92 17.20 -7.34
CA PHE G 189 -31.29 18.12 -8.28
C PHE G 189 -31.78 19.56 -8.08
N ASP G 190 -33.08 19.77 -8.28
CA ASP G 190 -33.64 21.10 -8.11
C ASP G 190 -33.35 21.55 -6.68
N GLU G 191 -33.81 20.76 -5.72
CA GLU G 191 -33.59 21.06 -4.30
C GLU G 191 -32.21 21.72 -4.11
N ILE G 192 -31.18 21.02 -4.55
CA ILE G 192 -29.82 21.52 -4.45
C ILE G 192 -29.61 22.82 -5.22
N ARG G 193 -29.91 22.79 -6.52
CA ARG G 193 -29.76 23.98 -7.35
C ARG G 193 -30.38 25.15 -6.61
N MET G 194 -31.53 24.89 -6.03
CA MET G 194 -32.29 25.88 -5.28
C MET G 194 -31.49 26.60 -4.21
N THR G 195 -31.06 25.84 -3.19
CA THR G 195 -30.28 26.39 -2.10
C THR G 195 -29.07 27.18 -2.61
N TYR G 196 -28.56 26.81 -3.78
CA TYR G 196 -27.40 27.48 -4.37
C TYR G 196 -27.75 28.76 -5.10
N ILE G 197 -29.02 28.88 -5.49
CA ILE G 197 -29.52 30.07 -6.16
C ILE G 197 -29.75 31.03 -5.01
N LYS G 198 -30.02 30.44 -3.85
CA LYS G 198 -30.29 31.18 -2.63
C LYS G 198 -28.95 31.61 -2.06
N GLU G 199 -28.06 30.64 -1.89
CA GLU G 199 -26.71 30.89 -1.36
C GLU G 199 -26.04 32.02 -2.12
N LEU G 200 -26.44 32.17 -3.38
CA LEU G 200 -25.89 33.24 -4.22
C LEU G 200 -26.44 34.54 -3.67
N GLY G 201 -27.75 34.55 -3.41
CA GLY G 201 -28.41 35.73 -2.87
C GLY G 201 -27.76 36.36 -1.63
N LYS G 202 -27.29 35.53 -0.71
CA LYS G 202 -26.64 36.00 0.53
C LYS G 202 -25.33 36.68 0.16
N ALA G 203 -24.67 36.14 -0.86
CA ALA G 203 -23.39 36.65 -1.37
C ALA G 203 -23.51 38.06 -1.94
N ILE G 204 -24.68 38.36 -2.51
CA ILE G 204 -24.95 39.69 -3.07
C ILE G 204 -25.38 40.66 -2.00
N VAL G 205 -26.03 40.14 -0.96
CA VAL G 205 -26.47 40.94 0.16
C VAL G 205 -25.21 41.52 0.78
N LYS G 206 -24.18 40.70 0.86
CA LYS G 206 -22.89 41.11 1.41
C LYS G 206 -22.35 42.12 0.40
N ARG G 207 -22.78 43.37 0.56
CA ARG G 207 -22.42 44.49 -0.30
C ARG G 207 -23.64 45.34 -0.56
N SER G 211 -26.46 48.07 0.81
CA SER G 211 -27.10 47.24 -0.26
C SER G 211 -28.09 48.06 -1.09
N SER G 212 -29.37 48.00 -0.75
CA SER G 212 -30.44 48.71 -1.44
C SER G 212 -31.13 47.86 -2.50
N GLN G 213 -31.02 48.24 -3.77
CA GLN G 213 -31.65 47.51 -4.87
C GLN G 213 -31.01 46.17 -5.23
N ASN G 214 -30.55 45.42 -4.22
CA ASN G 214 -29.92 44.13 -4.46
C ASN G 214 -30.63 43.26 -5.52
N TRP G 215 -31.90 43.54 -5.81
CA TRP G 215 -32.67 42.77 -6.81
C TRP G 215 -32.19 42.98 -8.26
N GLN G 216 -31.60 44.14 -8.54
CA GLN G 216 -31.09 44.46 -9.86
C GLN G 216 -29.78 43.74 -10.09
N ARG G 217 -29.00 43.64 -9.02
CA ARG G 217 -27.71 42.95 -9.03
C ARG G 217 -28.07 41.51 -9.36
N PHE G 218 -29.06 41.01 -8.66
CA PHE G 218 -29.50 39.66 -8.90
C PHE G 218 -29.79 39.49 -10.39
N TYR G 219 -30.37 40.51 -11.00
CA TYR G 219 -30.69 40.42 -12.42
C TYR G 219 -29.47 40.29 -13.32
N GLN G 220 -28.57 41.26 -13.22
CA GLN G 220 -27.36 41.29 -14.03
C GLN G 220 -26.52 40.03 -13.98
N LEU G 221 -26.36 39.48 -12.79
CA LEU G 221 -25.56 38.27 -12.60
C LEU G 221 -26.23 37.05 -13.27
N THR G 222 -27.53 36.93 -13.06
CA THR G 222 -28.32 35.84 -13.61
C THR G 222 -28.37 35.75 -15.14
N LYS G 223 -28.68 36.86 -15.82
CA LYS G 223 -28.76 36.85 -17.28
C LYS G 223 -27.44 36.43 -17.91
N LEU G 224 -26.39 36.40 -17.08
CA LEU G 224 -25.05 36.01 -17.52
C LEU G 224 -24.94 34.49 -17.54
N LEU G 225 -25.41 33.85 -16.47
CA LEU G 225 -25.36 32.40 -16.39
C LEU G 225 -26.06 31.74 -17.58
N ASP G 226 -27.06 32.44 -18.14
CA ASP G 226 -27.77 31.91 -19.29
C ASP G 226 -26.86 32.11 -20.49
N SER G 227 -26.11 33.20 -20.46
CA SER G 227 -25.19 33.55 -21.53
C SER G 227 -24.21 32.41 -21.80
N MET G 228 -23.90 31.63 -20.77
CA MET G 228 -22.97 30.52 -20.88
C MET G 228 -23.33 29.50 -21.94
N HIS G 229 -24.55 28.99 -21.89
CA HIS G 229 -24.96 28.01 -22.87
C HIS G 229 -24.63 28.51 -24.25
N GLU G 230 -24.62 29.83 -24.38
CA GLU G 230 -24.27 30.43 -25.64
C GLU G 230 -22.76 30.31 -25.78
N VAL G 231 -22.05 30.95 -24.86
CA VAL G 231 -20.60 30.93 -24.83
C VAL G 231 -20.06 29.52 -25.07
N VAL G 232 -20.45 28.59 -24.21
CA VAL G 232 -20.03 27.20 -24.30
C VAL G 232 -20.33 26.64 -25.67
N GLU G 233 -21.51 26.96 -26.18
CA GLU G 233 -21.95 26.48 -27.48
C GLU G 233 -20.88 26.61 -28.56
N ASN G 234 -20.31 27.79 -28.68
CA ASN G 234 -19.27 28.02 -29.69
C ASN G 234 -17.97 27.29 -29.36
N LEU G 235 -17.51 27.39 -28.12
CA LEU G 235 -16.27 26.73 -27.70
C LEU G 235 -16.23 25.24 -28.02
N LEU G 236 -17.40 24.64 -28.18
CA LEU G 236 -17.52 23.22 -28.48
C LEU G 236 -17.56 22.94 -29.98
N ASN G 237 -18.34 23.72 -30.73
CA ASN G 237 -18.42 23.56 -32.19
C ASN G 237 -17.00 23.81 -32.68
N TYR G 238 -16.21 24.36 -31.78
CA TYR G 238 -14.83 24.70 -32.07
C TYR G 238 -13.88 23.67 -31.49
N CYS G 239 -14.17 23.26 -30.27
CA CYS G 239 -13.37 22.28 -29.60
C CYS G 239 -13.56 20.92 -30.26
N PHE G 240 -14.77 20.68 -30.75
CA PHE G 240 -15.05 19.42 -31.39
C PHE G 240 -14.29 19.38 -32.71
N GLN G 241 -14.34 20.47 -33.47
CA GLN G 241 -13.65 20.51 -34.77
C GLN G 241 -12.17 20.15 -34.69
N THR G 242 -11.45 20.84 -33.80
CA THR G 242 -10.01 20.63 -33.58
C THR G 242 -9.71 19.26 -32.99
N PHE G 243 -10.78 18.58 -32.59
CA PHE G 243 -10.69 17.28 -32.00
C PHE G 243 -10.79 16.18 -33.08
N LEU G 244 -11.44 16.53 -34.19
CA LEU G 244 -11.68 15.62 -35.32
C LEU G 244 -10.59 15.66 -36.41
N ASP G 245 -10.70 16.63 -37.31
CA ASP G 245 -9.72 16.76 -38.37
C ASP G 245 -8.33 16.63 -37.78
N LYS G 246 -7.51 15.76 -38.35
CA LYS G 246 -6.15 15.57 -37.86
C LYS G 246 -5.15 16.42 -38.64
N THR G 247 -5.62 17.02 -39.73
CA THR G 247 -4.77 17.91 -40.52
C THR G 247 -4.44 19.05 -39.56
N MET G 248 -4.96 18.91 -38.34
CA MET G 248 -4.82 19.88 -37.25
C MET G 248 -3.54 19.76 -36.41
N SER G 249 -3.14 18.54 -36.10
CA SER G 249 -1.93 18.28 -35.30
C SER G 249 -2.15 18.46 -33.80
N ILE G 250 -3.36 18.87 -33.43
CA ILE G 250 -3.73 19.09 -32.03
C ILE G 250 -4.18 17.80 -31.34
N GLU G 251 -3.65 17.55 -30.14
CA GLU G 251 -3.98 16.35 -29.38
C GLU G 251 -4.80 16.63 -28.11
N PHE G 252 -5.51 15.61 -27.64
CA PHE G 252 -6.34 15.73 -26.43
C PHE G 252 -5.99 14.66 -25.43
N PRO G 253 -6.11 14.97 -24.14
CA PRO G 253 -5.81 14.00 -23.08
C PRO G 253 -6.92 12.97 -23.08
N GLU G 254 -6.64 11.76 -22.60
CA GLU G 254 -7.67 10.72 -22.57
C GLU G 254 -8.93 11.21 -21.84
N MET G 255 -8.72 11.97 -20.76
CA MET G 255 -9.83 12.48 -20.00
C MET G 255 -10.86 13.15 -20.88
N LEU G 256 -10.41 14.14 -21.67
CA LEU G 256 -11.28 14.89 -22.57
C LEU G 256 -11.76 14.09 -23.77
N ALA G 257 -11.18 12.91 -23.97
CA ALA G 257 -11.58 12.04 -25.07
C ALA G 257 -12.93 11.36 -24.75
N GLU G 258 -12.96 10.62 -23.63
CA GLU G 258 -14.17 9.91 -23.18
C GLU G 258 -15.35 10.89 -23.24
N ILE G 259 -15.10 12.11 -22.78
CA ILE G 259 -16.09 13.18 -22.74
C ILE G 259 -16.52 13.61 -24.13
N ILE G 260 -15.73 14.49 -24.76
CA ILE G 260 -16.03 15.00 -26.09
C ILE G 260 -16.74 13.94 -26.93
N THR G 261 -16.22 12.72 -26.85
CA THR G 261 -16.78 11.57 -27.55
C THR G 261 -18.18 11.27 -27.03
N ASN G 262 -18.27 10.80 -25.79
CA ASN G 262 -19.54 10.52 -25.18
C ASN G 262 -20.53 11.66 -25.47
N GLN G 263 -20.14 12.88 -25.07
CA GLN G 263 -20.95 14.09 -25.22
C GLN G 263 -21.33 14.54 -26.63
N ILE G 264 -20.71 15.63 -27.08
CA ILE G 264 -21.00 16.25 -28.39
C ILE G 264 -21.66 15.35 -29.48
N PRO G 265 -21.19 14.10 -29.65
CA PRO G 265 -21.81 13.22 -30.67
C PRO G 265 -23.31 13.05 -30.42
N LYS G 266 -23.62 12.28 -29.38
CA LYS G 266 -24.99 12.04 -28.97
C LYS G 266 -25.73 13.39 -28.87
N TYR G 267 -25.27 14.23 -27.93
CA TYR G 267 -25.85 15.54 -27.66
C TYR G 267 -26.23 16.38 -28.89
N SER G 268 -25.73 16.01 -30.06
CA SER G 268 -26.07 16.75 -31.28
C SER G 268 -27.52 16.46 -31.66
N ASN G 269 -28.10 15.47 -30.98
CA ASN G 269 -29.50 15.06 -31.17
C ASN G 269 -30.43 15.95 -30.33
N GLY G 270 -29.88 17.08 -29.87
CA GLY G 270 -30.64 18.03 -29.07
C GLY G 270 -31.37 17.44 -27.88
N ASN G 271 -30.82 16.35 -27.34
CA ASN G 271 -31.41 15.66 -26.20
C ASN G 271 -31.12 16.30 -24.84
N ILE G 272 -30.35 17.40 -24.82
CA ILE G 272 -30.02 18.13 -23.59
C ILE G 272 -30.97 19.32 -23.40
N LYS G 273 -31.10 19.80 -22.16
CA LYS G 273 -31.98 20.93 -21.87
C LYS G 273 -31.32 22.07 -21.09
N LYS G 274 -30.74 23.02 -21.82
CA LYS G 274 -30.10 24.19 -21.19
C LYS G 274 -31.11 24.90 -20.29
N LEU G 275 -30.77 25.05 -19.00
CA LEU G 275 -31.64 25.72 -18.04
C LEU G 275 -31.49 27.24 -18.19
N LEU G 276 -32.59 27.95 -17.95
CA LEU G 276 -32.52 29.39 -18.10
C LEU G 276 -33.16 30.10 -16.98
N PHE G 277 -32.77 31.36 -16.86
CA PHE G 277 -33.28 32.23 -15.85
C PHE G 277 -34.09 33.29 -16.59
N HIS G 278 -34.03 33.24 -17.92
CA HIS G 278 -34.73 34.22 -18.75
C HIS G 278 -35.04 33.66 -20.12
N GLN G 279 -36.30 33.77 -20.53
CA GLN G 279 -36.69 33.26 -21.83
C GLN G 279 -37.24 34.43 -22.62
N ALA H 4 -16.36 6.53 -18.89
CA ALA H 4 -15.84 5.33 -18.19
C ALA H 4 -14.83 5.75 -17.15
N LEU H 5 -13.66 6.24 -17.59
CA LEU H 5 -12.63 6.70 -16.66
C LEU H 5 -13.32 7.56 -15.61
N LEU H 6 -14.28 8.35 -16.10
CA LEU H 6 -15.08 9.25 -15.28
C LEU H 6 -15.74 8.50 -14.14
N ARG H 7 -16.57 7.53 -14.49
CA ARG H 7 -17.25 6.72 -13.51
C ARG H 7 -16.22 6.26 -12.48
N TYR H 8 -15.05 5.82 -12.96
CA TYR H 8 -13.97 5.35 -12.08
C TYR H 8 -13.59 6.40 -11.02
N LEU H 9 -13.48 7.64 -11.46
CA LEU H 9 -13.13 8.75 -10.58
C LEU H 9 -14.30 9.23 -9.71
N LEU H 10 -15.54 8.91 -10.12
CA LEU H 10 -16.75 9.29 -9.38
C LEU H 10 -16.99 8.29 -8.24
N ASP H 11 -17.09 7.02 -8.59
CA ASP H 11 -17.26 5.96 -7.59
C ASP H 11 -15.82 5.53 -7.28
N LYS H 12 -15.23 6.15 -6.28
CA LYS H 12 -13.86 5.85 -5.89
C LYS H 12 -13.45 7.01 -5.01
#